data_1V65
#
_entry.id   1V65
#
_cell.length_a   1.000
_cell.length_b   1.000
_cell.length_c   1.000
_cell.angle_alpha   90.00
_cell.angle_beta   90.00
_cell.angle_gamma   90.00
#
_symmetry.space_group_name_H-M   'P 1'
#
_entity_poly.entity_id   1
_entity_poly.type   'polypeptide(L)'
_entity_poly.pdbx_seq_one_letter_code
;GSSGSSGVTYDDVHMNFTEEEWDLLDSSQKRLYEEVMLETYQNLTDIGYNWQDHHIEESGPSSG
;
_entity_poly.pdbx_strand_id   A
#
# COMPACT_ATOMS: atom_id res chain seq x y z
N GLY A 1 -24.94 10.10 -6.79
CA GLY A 1 -25.06 11.55 -6.54
C GLY A 1 -26.34 12.14 -7.10
N SER A 2 -26.49 12.08 -8.42
CA SER A 2 -27.68 12.61 -9.08
C SER A 2 -28.23 11.61 -10.10
N SER A 3 -27.37 11.20 -11.03
CA SER A 3 -27.77 10.24 -12.06
C SER A 3 -26.96 8.96 -11.95
N GLY A 4 -25.66 9.04 -12.22
CA GLY A 4 -24.81 7.88 -12.14
C GLY A 4 -23.50 8.16 -11.41
N SER A 5 -22.41 8.21 -12.17
CA SER A 5 -21.10 8.48 -11.60
C SER A 5 -20.04 8.58 -12.68
N SER A 6 -19.28 9.67 -12.66
CA SER A 6 -18.23 9.89 -13.64
C SER A 6 -17.07 10.66 -13.04
N GLY A 7 -16.83 10.46 -11.75
CA GLY A 7 -15.75 11.16 -11.07
C GLY A 7 -14.83 10.20 -10.33
N VAL A 8 -15.25 9.79 -9.14
CA VAL A 8 -14.45 8.86 -8.33
C VAL A 8 -13.11 9.49 -7.96
N THR A 9 -13.14 10.76 -7.54
CA THR A 9 -11.93 11.47 -7.16
C THR A 9 -11.63 11.26 -5.67
N TYR A 10 -10.97 10.15 -5.35
CA TYR A 10 -10.63 9.84 -3.97
C TYR A 10 -9.69 10.90 -3.40
N ASP A 11 -8.83 11.45 -4.25
CA ASP A 11 -7.89 12.47 -3.83
C ASP A 11 -6.95 11.94 -2.74
N ASP A 12 -6.51 10.70 -2.90
CA ASP A 12 -5.62 10.07 -1.94
C ASP A 12 -4.51 9.29 -2.64
N VAL A 13 -4.12 9.76 -3.82
CA VAL A 13 -3.06 9.12 -4.59
C VAL A 13 -2.09 10.13 -5.16
N HIS A 14 -1.53 10.96 -4.27
CA HIS A 14 -0.57 11.98 -4.69
C HIS A 14 0.86 11.51 -4.46
N MET A 15 1.08 10.20 -4.56
CA MET A 15 2.40 9.64 -4.36
C MET A 15 2.48 8.23 -4.95
N ASN A 16 1.73 7.99 -6.01
CA ASN A 16 1.71 6.69 -6.66
C ASN A 16 2.89 6.57 -7.64
N PHE A 17 4.09 6.48 -7.10
CA PHE A 17 5.29 6.37 -7.92
C PHE A 17 5.53 4.91 -8.30
N THR A 18 5.63 4.66 -9.60
CA THR A 18 5.86 3.31 -10.11
C THR A 18 7.34 2.97 -10.04
N GLU A 19 7.69 1.78 -10.55
CA GLU A 19 9.08 1.32 -10.54
C GLU A 19 9.99 2.32 -11.25
N GLU A 20 9.57 2.75 -12.44
CA GLU A 20 10.34 3.71 -13.23
C GLU A 20 10.46 5.05 -12.49
N GLU A 21 9.32 5.57 -12.05
CA GLU A 21 9.29 6.83 -11.33
C GLU A 21 10.13 6.76 -10.05
N TRP A 22 10.09 5.60 -9.41
CA TRP A 22 10.85 5.39 -8.17
C TRP A 22 12.31 5.79 -8.34
N ASP A 23 12.81 5.73 -9.57
CA ASP A 23 14.19 6.09 -9.87
C ASP A 23 14.32 7.60 -10.08
N LEU A 24 13.22 8.26 -10.40
CA LEU A 24 13.22 9.70 -10.63
C LEU A 24 12.80 10.46 -9.39
N LEU A 25 12.88 9.82 -8.23
CA LEU A 25 12.50 10.45 -6.97
C LEU A 25 13.73 10.83 -6.15
N ASP A 26 13.50 11.40 -4.98
CA ASP A 26 14.59 11.80 -4.10
C ASP A 26 14.66 10.90 -2.86
N SER A 27 15.56 11.25 -1.94
CA SER A 27 15.73 10.47 -0.72
C SER A 27 14.52 10.65 0.21
N SER A 28 13.90 11.82 0.14
CA SER A 28 12.74 12.10 0.97
C SER A 28 11.51 11.33 0.49
N GLN A 29 11.28 11.36 -0.82
CA GLN A 29 10.14 10.66 -1.40
C GLN A 29 10.30 9.15 -1.25
N LYS A 30 11.50 8.65 -1.53
CA LYS A 30 11.78 7.23 -1.44
C LYS A 30 11.54 6.72 -0.02
N ARG A 31 11.71 7.60 0.96
CA ARG A 31 11.50 7.23 2.36
C ARG A 31 10.05 7.49 2.78
N LEU A 32 9.44 8.50 2.17
CA LEU A 32 8.06 8.85 2.48
C LEU A 32 7.10 7.75 2.02
N TYR A 33 7.40 7.17 0.86
CA TYR A 33 6.57 6.11 0.32
C TYR A 33 6.72 4.82 1.13
N GLU A 34 7.88 4.67 1.77
CA GLU A 34 8.16 3.49 2.58
C GLU A 34 7.65 3.69 4.01
N GLU A 35 7.61 4.94 4.46
CA GLU A 35 7.13 5.26 5.79
C GLU A 35 5.70 4.77 6.00
N VAL A 36 4.92 4.80 4.93
CA VAL A 36 3.53 4.37 4.99
C VAL A 36 3.41 2.86 4.81
N MET A 37 4.33 2.29 4.03
CA MET A 37 4.33 0.85 3.77
C MET A 37 4.73 0.08 5.01
N LEU A 38 5.90 0.40 5.56
CA LEU A 38 6.40 -0.27 6.76
C LEU A 38 5.43 -0.10 7.93
N GLU A 39 4.71 1.02 7.93
CA GLU A 39 3.75 1.30 8.99
C GLU A 39 2.52 0.43 8.85
N THR A 40 2.06 0.25 7.60
CA THR A 40 0.88 -0.56 7.34
C THR A 40 1.25 -1.81 6.53
N TYR A 41 1.96 -2.73 7.17
CA TYR A 41 2.38 -3.96 6.51
C TYR A 41 3.14 -4.86 7.47
N GLN A 42 4.13 -4.29 8.15
CA GLN A 42 4.94 -5.04 9.10
C GLN A 42 4.46 -4.80 10.53
N ASN A 43 3.81 -3.65 10.75
CA ASN A 43 3.30 -3.30 12.07
C ASN A 43 1.83 -3.69 12.20
N LEU A 44 1.51 -4.89 11.74
CA LEU A 44 0.14 -5.39 11.81
C LEU A 44 0.06 -6.70 12.59
N THR A 45 0.28 -6.61 13.90
CA THR A 45 0.25 -7.79 14.75
C THR A 45 -0.99 -7.78 15.65
N ASP A 46 -1.89 -6.83 15.42
CA ASP A 46 -3.11 -6.73 16.21
C ASP A 46 -4.32 -7.21 15.42
N ILE A 47 -4.15 -8.32 14.70
CA ILE A 47 -5.23 -8.89 13.89
C ILE A 47 -6.22 -9.64 14.76
N GLY A 48 -5.72 -10.25 15.83
CA GLY A 48 -6.59 -10.99 16.74
C GLY A 48 -6.20 -12.45 16.83
N TYR A 49 -7.14 -13.29 17.26
CA TYR A 49 -6.89 -14.72 17.40
C TYR A 49 -6.59 -15.35 16.04
N ASN A 50 -6.41 -16.67 16.03
CA ASN A 50 -6.12 -17.40 14.80
C ASN A 50 -6.46 -18.87 14.95
N TRP A 51 -7.62 -19.28 14.42
CA TRP A 51 -8.05 -20.67 14.49
C TRP A 51 -8.49 -21.17 13.12
N GLN A 52 -8.01 -20.53 12.07
CA GLN A 52 -8.36 -20.92 10.70
C GLN A 52 -7.49 -22.08 10.23
N ASP A 53 -7.91 -23.29 10.56
CA ASP A 53 -7.17 -24.49 10.17
C ASP A 53 -8.11 -25.56 9.63
N HIS A 54 -8.04 -25.80 8.32
CA HIS A 54 -8.89 -26.80 7.67
C HIS A 54 -8.07 -28.04 7.30
N HIS A 55 -8.77 -29.17 7.16
CA HIS A 55 -8.11 -30.42 6.80
C HIS A 55 -8.91 -31.17 5.74
N ILE A 56 -8.22 -31.61 4.70
CA ILE A 56 -8.86 -32.34 3.62
C ILE A 56 -8.47 -33.82 3.64
N GLU A 57 -9.47 -34.69 3.67
CA GLU A 57 -9.22 -36.14 3.69
C GLU A 57 -8.89 -36.65 2.29
N GLU A 58 -9.51 -36.05 1.29
CA GLU A 58 -9.27 -36.45 -0.10
C GLU A 58 -9.66 -37.91 -0.31
N SER A 59 -10.77 -38.13 -1.01
CA SER A 59 -11.25 -39.48 -1.28
C SER A 59 -12.09 -39.50 -2.56
N GLY A 60 -11.57 -40.14 -3.59
CA GLY A 60 -12.29 -40.23 -4.86
C GLY A 60 -12.69 -41.65 -5.19
N PRO A 61 -13.85 -42.12 -4.69
CA PRO A 61 -14.34 -43.47 -4.96
C PRO A 61 -14.37 -43.79 -6.45
N SER A 62 -14.42 -45.08 -6.77
CA SER A 62 -14.45 -45.52 -8.16
C SER A 62 -15.11 -46.89 -8.28
N SER A 63 -16.07 -47.17 -7.39
CA SER A 63 -16.77 -48.44 -7.39
C SER A 63 -17.83 -48.47 -8.50
N GLY A 64 -18.31 -49.67 -8.81
CA GLY A 64 -19.33 -49.80 -9.85
C GLY A 64 -18.79 -50.48 -11.10
N GLY A 1 -23.66 0.32 -8.87
CA GLY A 1 -22.59 -0.72 -9.00
C GLY A 1 -21.21 -0.11 -9.09
N SER A 2 -20.22 -0.85 -8.60
CA SER A 2 -18.83 -0.38 -8.62
C SER A 2 -17.86 -1.53 -8.39
N SER A 3 -16.96 -1.74 -9.35
CA SER A 3 -15.97 -2.81 -9.24
C SER A 3 -14.85 -2.61 -10.25
N GLY A 4 -13.90 -3.55 -10.28
CA GLY A 4 -12.79 -3.45 -11.20
C GLY A 4 -11.61 -2.68 -10.62
N SER A 5 -11.10 -1.73 -11.38
CA SER A 5 -9.97 -0.92 -10.93
C SER A 5 -10.30 0.57 -11.00
N SER A 6 -11.58 0.89 -10.78
CA SER A 6 -12.03 2.28 -10.81
C SER A 6 -11.44 3.07 -9.64
N GLY A 7 -11.34 4.38 -9.83
CA GLY A 7 -10.80 5.23 -8.78
C GLY A 7 -11.35 6.64 -8.83
N VAL A 8 -11.89 7.09 -7.71
CA VAL A 8 -12.46 8.44 -7.64
C VAL A 8 -11.38 9.50 -7.76
N THR A 9 -11.08 9.88 -9.00
CA THR A 9 -10.06 10.89 -9.27
C THR A 9 -10.50 12.27 -8.78
N TYR A 10 -10.38 12.50 -7.47
CA TYR A 10 -10.77 13.78 -6.88
C TYR A 10 -9.57 14.50 -6.29
N ASP A 11 -8.41 14.34 -6.94
CA ASP A 11 -7.18 14.97 -6.47
C ASP A 11 -6.83 14.52 -5.06
N ASP A 12 -6.36 13.28 -4.94
CA ASP A 12 -6.00 12.72 -3.65
C ASP A 12 -5.10 11.49 -3.81
N VAL A 13 -4.33 11.48 -4.88
CA VAL A 13 -3.43 10.36 -5.16
C VAL A 13 -2.16 10.84 -5.88
N HIS A 14 -1.29 11.53 -5.14
CA HIS A 14 -0.05 12.03 -5.70
C HIS A 14 1.15 11.25 -5.18
N MET A 15 0.93 9.97 -4.91
CA MET A 15 1.99 9.11 -4.41
C MET A 15 1.96 7.75 -5.10
N ASN A 16 1.54 7.74 -6.36
CA ASN A 16 1.47 6.52 -7.14
C ASN A 16 2.70 6.36 -8.03
N PHE A 17 3.87 6.69 -7.48
CA PHE A 17 5.11 6.58 -8.23
C PHE A 17 5.37 5.15 -8.66
N THR A 18 5.42 4.92 -9.97
CA THR A 18 5.66 3.59 -10.52
C THR A 18 7.10 3.17 -10.29
N GLU A 19 7.46 2.00 -10.81
CA GLU A 19 8.81 1.48 -10.67
C GLU A 19 9.83 2.45 -11.27
N GLU A 20 9.50 2.99 -12.44
CA GLU A 20 10.38 3.93 -13.12
C GLU A 20 10.52 5.22 -12.32
N GLU A 21 9.38 5.81 -11.94
CA GLU A 21 9.39 7.04 -11.18
C GLU A 21 10.09 6.86 -9.83
N TRP A 22 10.02 5.64 -9.30
CA TRP A 22 10.65 5.33 -8.02
C TRP A 22 12.15 5.62 -8.06
N ASP A 23 12.73 5.49 -9.25
CA ASP A 23 14.16 5.74 -9.43
C ASP A 23 14.43 7.23 -9.68
N LEU A 24 13.42 7.93 -10.21
CA LEU A 24 13.56 9.35 -10.49
C LEU A 24 13.01 10.19 -9.35
N LEU A 25 12.91 9.59 -8.17
CA LEU A 25 12.40 10.29 -7.00
C LEU A 25 13.54 10.87 -6.17
N ASP A 26 13.20 11.49 -5.04
CA ASP A 26 14.20 12.08 -4.17
C ASP A 26 14.46 11.19 -2.95
N SER A 27 15.55 11.46 -2.24
CA SER A 27 15.90 10.69 -1.06
C SER A 27 14.80 10.75 -0.01
N SER A 28 14.06 11.85 0.01
CA SER A 28 12.98 12.03 0.96
C SER A 28 11.72 11.29 0.50
N GLN A 29 11.50 11.27 -0.80
CA GLN A 29 10.33 10.59 -1.37
C GLN A 29 10.43 9.09 -1.17
N LYS A 30 11.61 8.53 -1.47
CA LYS A 30 11.83 7.10 -1.32
C LYS A 30 11.62 6.65 0.12
N ARG A 31 11.86 7.56 1.06
CA ARG A 31 11.71 7.27 2.48
C ARG A 31 10.28 7.57 2.93
N LEU A 32 9.66 8.56 2.30
CA LEU A 32 8.29 8.95 2.64
C LEU A 32 7.30 7.87 2.23
N TYR A 33 7.45 7.39 1.01
CA TYR A 33 6.57 6.35 0.49
C TYR A 33 6.76 5.05 1.25
N GLU A 34 7.97 4.85 1.77
CA GLU A 34 8.29 3.64 2.52
C GLU A 34 7.85 3.78 3.98
N GLU A 35 7.86 5.01 4.48
CA GLU A 35 7.46 5.28 5.85
C GLU A 35 6.03 4.80 6.11
N VAL A 36 5.20 4.84 5.07
CA VAL A 36 3.81 4.41 5.19
C VAL A 36 3.67 2.93 4.86
N MET A 37 4.52 2.44 3.96
CA MET A 37 4.49 1.03 3.56
C MET A 37 4.90 0.13 4.72
N LEU A 38 5.77 0.63 5.58
CA LEU A 38 6.25 -0.14 6.73
C LEU A 38 5.16 -0.25 7.79
N GLU A 39 4.55 0.89 8.12
CA GLU A 39 3.49 0.91 9.13
C GLU A 39 2.28 0.11 8.66
N THR A 40 2.06 0.07 7.36
CA THR A 40 0.94 -0.68 6.79
C THR A 40 1.37 -2.06 6.34
N TYR A 41 2.18 -2.72 7.16
CA TYR A 41 2.67 -4.06 6.85
C TYR A 41 3.37 -4.68 8.05
N GLN A 42 4.47 -4.07 8.48
CA GLN A 42 5.22 -4.57 9.62
C GLN A 42 4.34 -4.62 10.87
N ASN A 43 3.39 -3.70 10.95
CA ASN A 43 2.48 -3.65 12.09
C ASN A 43 1.29 -4.57 11.88
N LEU A 44 1.00 -4.90 10.62
CA LEU A 44 -0.12 -5.77 10.29
C LEU A 44 0.32 -7.22 10.25
N THR A 45 1.02 -7.66 11.29
CA THR A 45 1.50 -9.03 11.37
C THR A 45 0.38 -9.99 11.77
N ASP A 46 -0.78 -9.45 12.14
CA ASP A 46 -1.92 -10.27 12.54
C ASP A 46 -1.61 -11.05 13.81
N ILE A 47 -1.60 -10.35 14.93
CA ILE A 47 -1.31 -10.98 16.22
C ILE A 47 -2.61 -11.30 16.97
N GLY A 48 -3.65 -11.67 16.22
CA GLY A 48 -4.92 -12.00 16.83
C GLY A 48 -5.63 -13.13 16.10
N TYR A 49 -6.07 -14.14 16.85
CA TYR A 49 -6.76 -15.27 16.27
C TYR A 49 -5.87 -16.00 15.26
N ASN A 50 -5.45 -17.21 15.63
CA ASN A 50 -4.59 -18.01 14.76
C ASN A 50 -5.42 -18.99 13.95
N TRP A 51 -5.37 -18.85 12.63
CA TRP A 51 -6.11 -19.74 11.73
C TRP A 51 -5.19 -20.38 10.70
N GLN A 52 -3.91 -20.45 11.03
CA GLN A 52 -2.92 -21.05 10.12
C GLN A 52 -2.39 -22.36 10.70
N ASP A 53 -3.26 -23.13 11.32
CA ASP A 53 -2.87 -24.41 11.92
C ASP A 53 -4.06 -25.36 11.97
N HIS A 54 -4.62 -25.67 10.80
CA HIS A 54 -5.77 -26.58 10.72
C HIS A 54 -5.37 -27.90 10.08
N HIS A 55 -4.39 -27.86 9.19
CA HIS A 55 -3.92 -29.05 8.50
C HIS A 55 -3.22 -30.01 9.47
N ILE A 56 -4.01 -30.67 10.31
CA ILE A 56 -3.47 -31.61 11.29
C ILE A 56 -3.72 -33.05 10.86
N GLU A 57 -2.73 -33.65 10.20
CA GLU A 57 -2.84 -35.01 9.73
C GLU A 57 -3.06 -35.97 10.90
N GLU A 58 -2.13 -35.95 11.85
CA GLU A 58 -2.22 -36.82 13.02
C GLU A 58 -1.77 -36.08 14.27
N SER A 59 -0.48 -35.77 14.33
CA SER A 59 0.09 -35.06 15.47
C SER A 59 -0.08 -35.87 16.74
N GLY A 60 0.01 -37.20 16.62
CA GLY A 60 -0.14 -38.07 17.77
C GLY A 60 -0.23 -39.53 17.38
N PRO A 61 0.89 -40.26 17.39
CA PRO A 61 0.92 -41.69 17.04
C PRO A 61 -0.14 -42.48 17.79
N SER A 62 -0.42 -43.69 17.29
CA SER A 62 -1.41 -44.56 17.93
C SER A 62 -2.79 -43.91 17.92
N SER A 63 -3.76 -44.60 18.50
CA SER A 63 -5.13 -44.08 18.56
C SER A 63 -5.79 -44.45 19.89
N GLY A 64 -6.77 -43.66 20.29
CA GLY A 64 -7.47 -43.92 21.53
C GLY A 64 -7.22 -42.85 22.58
N GLY A 1 6.34 4.83 -28.28
CA GLY A 1 7.59 5.07 -29.05
C GLY A 1 8.38 6.24 -28.50
N SER A 2 9.63 5.98 -28.13
CA SER A 2 10.50 7.02 -27.59
C SER A 2 10.92 7.99 -28.69
N SER A 3 10.92 9.28 -28.37
CA SER A 3 11.30 10.31 -29.32
C SER A 3 11.94 11.50 -28.62
N GLY A 4 11.30 11.97 -27.55
CA GLY A 4 11.83 13.09 -26.80
C GLY A 4 11.03 14.36 -27.04
N SER A 5 9.72 14.22 -27.17
CA SER A 5 8.84 15.37 -27.40
C SER A 5 7.78 15.47 -26.29
N SER A 6 6.92 16.47 -26.41
CA SER A 6 5.86 16.68 -25.42
C SER A 6 6.45 16.93 -24.04
N GLY A 7 5.58 17.18 -23.08
CA GLY A 7 6.03 17.44 -21.72
C GLY A 7 5.00 18.18 -20.89
N VAL A 8 4.14 17.43 -20.21
CA VAL A 8 3.10 18.01 -19.37
C VAL A 8 3.43 17.88 -17.89
N THR A 9 2.62 18.48 -17.04
CA THR A 9 2.82 18.42 -15.59
C THR A 9 1.49 18.55 -14.86
N TYR A 10 0.42 18.05 -15.47
CA TYR A 10 -0.90 18.11 -14.86
C TYR A 10 -0.93 17.34 -13.55
N ASP A 11 -0.08 16.33 -13.44
CA ASP A 11 0.00 15.51 -12.23
C ASP A 11 -1.32 14.79 -11.98
N ASP A 12 -1.28 13.46 -11.98
CA ASP A 12 -2.46 12.65 -11.75
C ASP A 12 -2.11 11.38 -10.98
N VAL A 13 -1.14 11.49 -10.09
CA VAL A 13 -0.70 10.35 -9.28
C VAL A 13 -0.25 10.80 -7.90
N HIS A 14 -1.15 10.73 -6.93
CA HIS A 14 -0.84 11.13 -5.56
C HIS A 14 -0.10 10.01 -4.82
N MET A 15 1.22 10.14 -4.74
CA MET A 15 2.04 9.15 -4.06
C MET A 15 1.90 7.78 -4.73
N ASN A 16 1.81 7.79 -6.07
CA ASN A 16 1.67 6.55 -6.83
C ASN A 16 2.91 6.32 -7.69
N PHE A 17 4.08 6.63 -7.15
CA PHE A 17 5.33 6.45 -7.87
C PHE A 17 5.52 4.99 -8.28
N THR A 18 5.38 4.72 -9.57
CA THR A 18 5.55 3.36 -10.10
C THR A 18 7.00 2.92 -10.01
N GLU A 19 7.27 1.71 -10.50
CA GLU A 19 8.63 1.17 -10.48
C GLU A 19 9.59 2.08 -11.23
N GLU A 20 9.09 2.73 -12.28
CA GLU A 20 9.91 3.63 -13.08
C GLU A 20 10.13 4.95 -12.36
N GLU A 21 9.03 5.56 -11.91
CA GLU A 21 9.11 6.83 -11.20
C GLU A 21 9.95 6.70 -9.93
N TRP A 22 9.93 5.51 -9.34
CA TRP A 22 10.69 5.25 -8.12
C TRP A 22 12.17 5.55 -8.33
N ASP A 23 12.64 5.40 -9.57
CA ASP A 23 14.03 5.64 -9.90
C ASP A 23 14.30 7.14 -10.07
N LEU A 24 13.27 7.87 -10.49
CA LEU A 24 13.40 9.31 -10.69
C LEU A 24 12.93 10.09 -9.47
N LEU A 25 12.88 9.42 -8.32
CA LEU A 25 12.44 10.06 -7.08
C LEU A 25 13.63 10.64 -6.33
N ASP A 26 13.34 11.32 -5.22
CA ASP A 26 14.39 11.93 -4.41
C ASP A 26 14.60 11.14 -3.12
N SER A 27 15.65 11.49 -2.39
CA SER A 27 15.98 10.82 -1.14
C SER A 27 14.84 10.97 -0.13
N SER A 28 14.16 12.11 -0.19
CA SER A 28 13.05 12.38 0.71
C SER A 28 11.82 11.57 0.33
N GLN A 29 11.61 11.40 -0.97
CA GLN A 29 10.47 10.64 -1.47
C GLN A 29 10.61 9.16 -1.13
N LYS A 30 11.81 8.63 -1.34
CA LYS A 30 12.08 7.22 -1.06
C LYS A 30 11.83 6.90 0.42
N ARG A 31 12.05 7.90 1.28
CA ARG A 31 11.84 7.72 2.71
C ARG A 31 10.40 7.97 3.09
N LEU A 32 9.79 8.98 2.48
CA LEU A 32 8.39 9.32 2.74
C LEU A 32 7.47 8.21 2.29
N TYR A 33 7.79 7.60 1.16
CA TYR A 33 6.98 6.51 0.61
C TYR A 33 7.14 5.24 1.43
N GLU A 34 8.27 5.13 2.12
CA GLU A 34 8.56 3.96 2.95
C GLU A 34 7.97 4.12 4.34
N GLU A 35 7.85 5.37 4.79
CA GLU A 35 7.30 5.66 6.11
C GLU A 35 5.90 5.09 6.26
N VAL A 36 5.05 5.32 5.25
CA VAL A 36 3.69 4.82 5.27
C VAL A 36 3.64 3.32 5.01
N MET A 37 4.61 2.82 4.25
CA MET A 37 4.67 1.41 3.93
C MET A 37 4.91 0.58 5.19
N LEU A 38 5.60 1.17 6.17
CA LEU A 38 5.89 0.49 7.42
C LEU A 38 4.60 0.05 8.12
N GLU A 39 3.62 0.94 8.15
CA GLU A 39 2.34 0.65 8.78
C GLU A 39 1.60 -0.46 8.03
N THR A 40 1.81 -0.51 6.72
CA THR A 40 1.17 -1.52 5.89
C THR A 40 2.15 -2.63 5.51
N TYR A 41 2.88 -3.12 6.51
CA TYR A 41 3.85 -4.19 6.29
C TYR A 41 4.32 -4.79 7.61
N GLN A 42 4.69 -3.93 8.55
CA GLN A 42 5.15 -4.37 9.86
C GLN A 42 3.98 -4.84 10.72
N ASN A 43 2.82 -4.24 10.50
CA ASN A 43 1.62 -4.60 11.26
C ASN A 43 0.84 -5.72 10.57
N LEU A 44 0.81 -5.66 9.24
CA LEU A 44 0.10 -6.66 8.45
C LEU A 44 -1.37 -6.71 8.83
N THR A 45 -2.17 -5.84 8.22
CA THR A 45 -3.60 -5.79 8.50
C THR A 45 -4.42 -6.33 7.33
N ASP A 46 -3.74 -6.67 6.24
CA ASP A 46 -4.40 -7.20 5.05
C ASP A 46 -5.38 -6.18 4.48
N ILE A 47 -5.11 -4.90 4.72
CA ILE A 47 -5.95 -3.82 4.23
C ILE A 47 -7.44 -4.12 4.44
N GLY A 48 -7.76 -4.71 5.58
CA GLY A 48 -9.13 -5.06 5.89
C GLY A 48 -9.71 -6.07 4.92
N TYR A 49 -10.78 -5.69 4.24
CA TYR A 49 -11.43 -6.58 3.28
C TYR A 49 -12.05 -5.78 2.13
N ASN A 50 -11.87 -6.28 0.91
CA ASN A 50 -12.41 -5.61 -0.27
C ASN A 50 -13.60 -6.37 -0.83
N TRP A 51 -14.80 -5.93 -0.46
CA TRP A 51 -16.03 -6.58 -0.93
C TRP A 51 -16.76 -5.69 -1.93
N GLN A 52 -16.04 -4.77 -2.55
CA GLN A 52 -16.62 -3.87 -3.54
C GLN A 52 -15.99 -4.08 -4.91
N ASP A 53 -15.96 -5.33 -5.35
CA ASP A 53 -15.38 -5.67 -6.66
C ASP A 53 -16.48 -5.80 -7.71
N HIS A 54 -17.59 -5.09 -7.51
CA HIS A 54 -18.71 -5.14 -8.45
C HIS A 54 -18.85 -3.81 -9.19
N HIS A 55 -19.86 -3.72 -10.04
CA HIS A 55 -20.10 -2.51 -10.82
C HIS A 55 -21.39 -1.83 -10.37
N ILE A 56 -21.29 -1.02 -9.32
CA ILE A 56 -22.45 -0.31 -8.79
C ILE A 56 -22.04 1.01 -8.14
N GLU A 57 -22.19 2.10 -8.88
CA GLU A 57 -21.84 3.42 -8.38
C GLU A 57 -23.05 4.13 -7.80
N GLU A 58 -24.23 3.83 -8.37
CA GLU A 58 -25.47 4.44 -7.92
C GLU A 58 -25.48 5.94 -8.20
N SER A 59 -24.73 6.69 -7.40
CA SER A 59 -24.66 8.14 -7.55
C SER A 59 -24.08 8.50 -8.92
N GLY A 60 -24.96 8.70 -9.90
CA GLY A 60 -24.53 9.05 -11.24
C GLY A 60 -23.75 7.94 -11.91
N PRO A 61 -24.43 6.88 -12.38
CA PRO A 61 -23.78 5.76 -13.05
C PRO A 61 -22.89 6.19 -14.19
N SER A 62 -22.36 5.22 -14.94
CA SER A 62 -21.48 5.51 -16.07
C SER A 62 -21.39 4.31 -17.00
N SER A 63 -21.15 4.57 -18.28
CA SER A 63 -21.02 3.51 -19.28
C SER A 63 -19.75 2.71 -19.07
N GLY A 64 -18.69 3.39 -18.63
CA GLY A 64 -17.42 2.72 -18.40
C GLY A 64 -17.10 2.58 -16.93
N GLY A 1 -22.38 0.36 -11.34
CA GLY A 1 -21.39 1.38 -10.90
C GLY A 1 -21.33 2.57 -11.84
N SER A 2 -22.07 3.62 -11.50
CA SER A 2 -22.10 4.83 -12.33
C SER A 2 -22.33 6.07 -11.47
N SER A 3 -21.75 6.06 -10.27
CA SER A 3 -21.89 7.19 -9.36
C SER A 3 -23.35 7.41 -8.99
N GLY A 4 -23.77 6.83 -7.87
CA GLY A 4 -25.15 6.99 -7.43
C GLY A 4 -25.30 8.05 -6.36
N SER A 5 -24.77 9.24 -6.64
CA SER A 5 -24.85 10.35 -5.70
C SER A 5 -24.16 10.00 -4.39
N SER A 6 -23.14 9.15 -4.46
CA SER A 6 -22.39 8.73 -3.28
C SER A 6 -21.07 8.08 -3.68
N GLY A 7 -19.97 8.79 -3.44
CA GLY A 7 -18.66 8.26 -3.78
C GLY A 7 -17.54 9.00 -3.06
N VAL A 8 -16.31 8.72 -3.46
CA VAL A 8 -15.15 9.36 -2.86
C VAL A 8 -14.21 9.92 -3.92
N THR A 9 -14.39 11.18 -4.27
CA THR A 9 -13.56 11.83 -5.28
C THR A 9 -13.26 13.28 -4.89
N TYR A 10 -12.11 13.48 -4.25
CA TYR A 10 -11.70 14.81 -3.83
C TYR A 10 -10.18 14.94 -3.83
N ASP A 11 -9.54 14.22 -4.74
CA ASP A 11 -8.08 14.25 -4.86
C ASP A 11 -7.43 13.80 -3.57
N ASP A 12 -7.13 12.50 -3.48
CA ASP A 12 -6.49 11.94 -2.29
C ASP A 12 -5.56 10.79 -2.67
N VAL A 13 -4.93 10.91 -3.83
CA VAL A 13 -4.01 9.87 -4.31
C VAL A 13 -2.82 10.49 -5.02
N HIS A 14 -1.76 10.78 -4.27
CA HIS A 14 -0.56 11.37 -4.84
C HIS A 14 0.69 10.77 -4.21
N MET A 15 0.64 9.46 -3.95
CA MET A 15 1.77 8.76 -3.34
C MET A 15 1.92 7.37 -3.95
N ASN A 16 1.78 7.27 -5.26
CA ASN A 16 1.88 5.99 -5.95
C ASN A 16 2.94 6.06 -7.05
N PHE A 17 4.20 5.90 -6.66
CA PHE A 17 5.30 5.94 -7.62
C PHE A 17 5.64 4.54 -8.12
N THR A 18 5.47 4.33 -9.42
CA THR A 18 5.77 3.04 -10.03
C THR A 18 7.27 2.76 -10.02
N GLU A 19 7.65 1.61 -10.59
CA GLU A 19 9.05 1.23 -10.65
C GLU A 19 9.86 2.24 -11.46
N GLU A 20 9.25 2.78 -12.50
CA GLU A 20 9.90 3.76 -13.35
C GLU A 20 10.05 5.10 -12.64
N GLU A 21 8.99 5.51 -11.95
CA GLU A 21 8.99 6.78 -11.22
C GLU A 21 9.85 6.68 -9.97
N TRP A 22 9.81 5.52 -9.31
CA TRP A 22 10.58 5.29 -8.11
C TRP A 22 12.07 5.60 -8.33
N ASP A 23 12.51 5.46 -9.57
CA ASP A 23 13.90 5.72 -9.91
C ASP A 23 14.14 7.21 -10.15
N LEU A 24 13.09 7.94 -10.51
CA LEU A 24 13.19 9.36 -10.77
C LEU A 24 12.81 10.17 -9.54
N LEU A 25 12.86 9.55 -8.37
CA LEU A 25 12.53 10.22 -7.12
C LEU A 25 13.78 10.58 -6.34
N ASP A 26 13.63 11.43 -5.33
CA ASP A 26 14.76 11.86 -4.51
C ASP A 26 14.83 11.05 -3.21
N SER A 27 15.80 11.37 -2.37
CA SER A 27 15.96 10.69 -1.10
C SER A 27 14.81 10.97 -0.16
N SER A 28 14.27 12.18 -0.24
CA SER A 28 13.15 12.59 0.60
C SER A 28 11.90 11.80 0.25
N GLN A 29 11.64 11.64 -1.05
CA GLN A 29 10.47 10.90 -1.51
C GLN A 29 10.60 9.43 -1.18
N LYS A 30 11.76 8.86 -1.48
CA LYS A 30 12.02 7.44 -1.22
C LYS A 30 11.82 7.11 0.26
N ARG A 31 12.06 8.10 1.11
CA ARG A 31 11.90 7.92 2.55
C ARG A 31 10.46 8.17 2.98
N LEU A 32 9.80 9.11 2.33
CA LEU A 32 8.42 9.43 2.64
C LEU A 32 7.48 8.28 2.29
N TYR A 33 7.69 7.71 1.10
CA TYR A 33 6.88 6.59 0.65
C TYR A 33 7.09 5.37 1.54
N GLU A 34 8.28 5.28 2.13
CA GLU A 34 8.61 4.15 3.00
C GLU A 34 8.05 4.38 4.40
N GLU A 35 7.94 5.64 4.79
CA GLU A 35 7.41 5.98 6.12
C GLU A 35 6.01 5.43 6.30
N VAL A 36 5.25 5.34 5.21
CA VAL A 36 3.89 4.83 5.26
C VAL A 36 3.87 3.32 5.06
N MET A 37 4.84 2.81 4.29
CA MET A 37 4.93 1.38 4.03
C MET A 37 5.18 0.60 5.31
N LEU A 38 5.94 1.21 6.23
CA LEU A 38 6.25 0.57 7.50
C LEU A 38 4.98 0.26 8.29
N GLU A 39 3.96 1.11 8.11
CA GLU A 39 2.69 0.92 8.80
C GLU A 39 1.65 0.29 7.87
N THR A 40 2.12 -0.48 6.90
CA THR A 40 1.24 -1.15 5.95
C THR A 40 1.85 -2.45 5.44
N TYR A 41 2.65 -3.09 6.30
CA TYR A 41 3.30 -4.35 5.93
C TYR A 41 3.59 -5.19 7.17
N GLN A 42 4.21 -4.56 8.17
CA GLN A 42 4.54 -5.25 9.41
C GLN A 42 3.34 -5.34 10.34
N ASN A 43 2.38 -4.43 10.14
CA ASN A 43 1.17 -4.41 10.97
C ASN A 43 0.10 -5.35 10.43
N LEU A 44 0.45 -6.12 9.39
CA LEU A 44 -0.49 -7.06 8.80
C LEU A 44 -0.27 -8.46 9.33
N THR A 45 0.05 -8.55 10.62
CA THR A 45 0.28 -9.85 11.26
C THR A 45 -1.01 -10.44 11.81
N ASP A 46 -2.14 -9.80 11.50
CA ASP A 46 -3.44 -10.27 11.97
C ASP A 46 -3.85 -11.54 11.22
N ILE A 47 -3.17 -12.64 11.53
CA ILE A 47 -3.46 -13.92 10.88
C ILE A 47 -4.07 -14.90 11.88
N GLY A 48 -4.90 -14.38 12.77
CA GLY A 48 -5.54 -15.23 13.77
C GLY A 48 -6.62 -16.11 13.18
N TYR A 49 -7.69 -15.49 12.71
CA TYR A 49 -8.80 -16.22 12.10
C TYR A 49 -8.92 -15.92 10.61
N ASN A 50 -8.92 -16.97 9.80
CA ASN A 50 -9.03 -16.82 8.35
C ASN A 50 -10.48 -16.95 7.90
N TRP A 51 -11.17 -15.82 7.82
CA TRP A 51 -12.57 -15.80 7.40
C TRP A 51 -12.79 -14.78 6.29
N GLN A 52 -11.72 -14.44 5.57
CA GLN A 52 -11.81 -13.48 4.47
C GLN A 52 -11.82 -14.20 3.13
N ASP A 53 -12.40 -15.39 3.10
CA ASP A 53 -12.49 -16.17 1.87
C ASP A 53 -13.79 -15.88 1.12
N HIS A 54 -13.70 -15.02 0.12
CA HIS A 54 -14.87 -14.66 -0.68
C HIS A 54 -14.89 -15.43 -1.99
N HIS A 55 -15.61 -16.56 -1.99
CA HIS A 55 -15.71 -17.39 -3.18
C HIS A 55 -16.99 -18.23 -3.14
N ILE A 56 -18.06 -17.65 -2.61
CA ILE A 56 -19.34 -18.34 -2.50
C ILE A 56 -20.26 -17.94 -3.65
N GLU A 57 -19.69 -17.75 -4.83
CA GLU A 57 -20.45 -17.37 -6.01
C GLU A 57 -21.07 -15.98 -5.84
N GLU A 58 -22.17 -15.92 -5.08
CA GLU A 58 -22.85 -14.65 -4.83
C GLU A 58 -23.30 -14.55 -3.38
N SER A 59 -22.65 -13.67 -2.62
CA SER A 59 -22.99 -13.48 -1.22
C SER A 59 -24.03 -12.38 -1.05
N GLY A 60 -25.20 -12.59 -1.65
CA GLY A 60 -26.27 -11.61 -1.56
C GLY A 60 -27.48 -12.00 -2.38
N PRO A 61 -28.04 -11.06 -3.17
CA PRO A 61 -29.22 -11.33 -4.00
C PRO A 61 -29.04 -12.58 -4.86
N SER A 62 -30.07 -13.44 -4.86
CA SER A 62 -30.03 -14.67 -5.62
C SER A 62 -31.33 -14.87 -6.39
N SER A 63 -31.23 -15.37 -7.62
CA SER A 63 -32.40 -15.62 -8.44
C SER A 63 -33.10 -16.91 -8.04
N GLY A 64 -34.26 -17.16 -8.62
CA GLY A 64 -35.01 -18.36 -8.31
C GLY A 64 -36.46 -18.08 -7.99
N GLY A 1 -28.76 7.31 8.60
CA GLY A 1 -30.08 6.86 8.07
C GLY A 1 -29.94 6.06 6.78
N SER A 2 -29.02 6.46 5.93
CA SER A 2 -28.79 5.77 4.66
C SER A 2 -27.42 6.13 4.09
N SER A 3 -26.46 6.41 4.97
CA SER A 3 -25.11 6.78 4.54
C SER A 3 -24.27 5.53 4.29
N GLY A 4 -23.00 5.75 3.98
CA GLY A 4 -22.10 4.64 3.71
C GLY A 4 -20.81 4.73 4.50
N SER A 5 -19.69 4.38 3.87
CA SER A 5 -18.40 4.43 4.53
C SER A 5 -17.28 4.07 3.55
N SER A 6 -17.54 3.07 2.72
CA SER A 6 -16.55 2.62 1.74
C SER A 6 -17.21 2.37 0.38
N GLY A 7 -16.42 1.91 -0.58
CA GLY A 7 -16.95 1.63 -1.90
C GLY A 7 -16.31 2.49 -2.98
N VAL A 8 -15.64 1.86 -3.93
CA VAL A 8 -14.99 2.57 -5.01
C VAL A 8 -13.87 3.47 -4.48
N THR A 9 -12.75 3.51 -5.20
CA THR A 9 -11.62 4.33 -4.80
C THR A 9 -11.06 5.11 -5.99
N TYR A 10 -11.51 6.35 -6.15
CA TYR A 10 -11.06 7.19 -7.25
C TYR A 10 -10.59 8.55 -6.73
N ASP A 11 -10.05 8.55 -5.51
CA ASP A 11 -9.56 9.79 -4.90
C ASP A 11 -8.70 9.49 -3.68
N ASP A 12 -7.76 8.56 -3.84
CA ASP A 12 -6.87 8.18 -2.75
C ASP A 12 -5.53 7.66 -3.29
N VAL A 13 -5.06 8.29 -4.36
CA VAL A 13 -3.79 7.89 -4.96
C VAL A 13 -2.96 9.12 -5.32
N HIS A 14 -2.28 9.68 -4.31
CA HIS A 14 -1.45 10.86 -4.52
C HIS A 14 0.03 10.52 -4.32
N MET A 15 0.30 9.42 -3.63
CA MET A 15 1.68 8.99 -3.38
C MET A 15 1.92 7.59 -3.92
N ASN A 16 1.65 7.41 -5.21
CA ASN A 16 1.84 6.12 -5.86
C ASN A 16 2.88 6.21 -6.98
N PHE A 17 4.15 6.13 -6.60
CA PHE A 17 5.24 6.20 -7.56
C PHE A 17 5.63 4.82 -8.06
N THR A 18 5.45 4.58 -9.35
CA THR A 18 5.79 3.29 -9.95
C THR A 18 7.30 3.07 -9.95
N GLU A 19 7.72 1.91 -10.46
CA GLU A 19 9.14 1.58 -10.51
C GLU A 19 9.91 2.60 -11.34
N GLU A 20 9.31 3.03 -12.45
CA GLU A 20 9.94 4.02 -13.32
C GLU A 20 10.22 5.31 -12.57
N GLU A 21 9.17 5.95 -12.07
CA GLU A 21 9.31 7.20 -11.33
C GLU A 21 10.19 7.00 -10.09
N TRP A 22 10.14 5.80 -9.53
CA TRP A 22 10.92 5.48 -8.34
C TRP A 22 12.41 5.76 -8.58
N ASP A 23 12.84 5.64 -9.83
CA ASP A 23 14.23 5.88 -10.18
C ASP A 23 14.52 7.37 -10.31
N LEU A 24 13.48 8.15 -10.60
CA LEU A 24 13.63 9.60 -10.76
C LEU A 24 13.13 10.33 -9.52
N LEU A 25 13.04 9.62 -8.39
CA LEU A 25 12.57 10.23 -7.15
C LEU A 25 13.74 10.71 -6.31
N ASP A 26 13.46 11.55 -5.33
CA ASP A 26 14.49 12.09 -4.45
C ASP A 26 14.63 11.24 -3.20
N SER A 27 15.66 11.53 -2.40
CA SER A 27 15.90 10.78 -1.17
C SER A 27 14.73 10.94 -0.20
N SER A 28 14.07 12.09 -0.25
CA SER A 28 12.93 12.36 0.62
C SER A 28 11.71 11.57 0.18
N GLN A 29 11.58 11.36 -1.12
CA GLN A 29 10.44 10.61 -1.67
C GLN A 29 10.63 9.11 -1.44
N LYS A 30 11.87 8.65 -1.52
CA LYS A 30 12.17 7.24 -1.32
C LYS A 30 11.93 6.83 0.13
N ARG A 31 12.06 7.79 1.04
CA ARG A 31 11.86 7.52 2.46
C ARG A 31 10.40 7.71 2.85
N LEU A 32 9.76 8.72 2.26
CA LEU A 32 8.37 9.01 2.55
C LEU A 32 7.46 7.89 2.06
N TYR A 33 7.77 7.38 0.87
CA TYR A 33 6.99 6.30 0.28
C TYR A 33 7.20 5.00 1.06
N GLU A 34 8.36 4.87 1.69
CA GLU A 34 8.69 3.67 2.46
C GLU A 34 8.05 3.73 3.85
N GLU A 35 7.87 4.94 4.36
CA GLU A 35 7.28 5.13 5.68
C GLU A 35 5.88 4.53 5.74
N VAL A 36 5.02 4.93 4.79
CA VAL A 36 3.66 4.44 4.74
C VAL A 36 3.62 2.93 4.59
N MET A 37 4.65 2.38 3.93
CA MET A 37 4.72 0.94 3.71
C MET A 37 5.03 0.20 5.02
N LEU A 38 5.49 0.94 6.02
CA LEU A 38 5.81 0.35 7.32
C LEU A 38 4.56 0.08 8.12
N GLU A 39 3.70 1.09 8.23
CA GLU A 39 2.46 0.97 8.98
C GLU A 39 1.57 -0.13 8.40
N THR A 40 1.42 -0.13 7.07
CA THR A 40 0.61 -1.12 6.40
C THR A 40 1.44 -2.34 6.00
N TYR A 41 2.12 -2.92 6.98
CA TYR A 41 2.96 -4.09 6.75
C TYR A 41 3.60 -4.58 8.04
N GLN A 42 4.33 -3.68 8.71
CA GLN A 42 5.00 -4.02 9.96
C GLN A 42 3.99 -4.45 11.02
N ASN A 43 2.78 -3.93 10.91
CA ASN A 43 1.71 -4.25 11.86
C ASN A 43 1.02 -5.55 11.49
N LEU A 44 1.04 -5.90 10.20
CA LEU A 44 0.42 -7.12 9.72
C LEU A 44 1.18 -8.34 10.21
N THR A 45 2.42 -8.49 9.74
CA THR A 45 3.27 -9.62 10.12
C THR A 45 2.83 -10.92 9.43
N ASP A 46 1.83 -10.83 8.55
CA ASP A 46 1.33 -12.00 7.83
C ASP A 46 0.20 -11.62 6.88
N ILE A 47 0.28 -10.43 6.31
CA ILE A 47 -0.74 -9.96 5.37
C ILE A 47 -0.12 -9.15 4.24
N GLY A 48 1.13 -9.46 3.92
CA GLY A 48 1.81 -8.75 2.85
C GLY A 48 1.67 -9.44 1.51
N TYR A 49 2.47 -9.00 0.53
CA TYR A 49 2.44 -9.59 -0.80
C TYR A 49 1.05 -9.42 -1.43
N ASN A 50 0.97 -9.69 -2.73
CA ASN A 50 -0.29 -9.57 -3.45
C ASN A 50 -0.22 -10.27 -4.81
N TRP A 51 -0.59 -11.55 -4.83
CA TRP A 51 -0.57 -12.33 -6.06
C TRP A 51 -1.97 -12.74 -6.48
N GLN A 52 -2.97 -11.98 -6.01
CA GLN A 52 -4.36 -12.28 -6.35
C GLN A 52 -5.03 -11.06 -6.98
N ASP A 53 -4.68 -10.78 -8.23
CA ASP A 53 -5.25 -9.64 -8.94
C ASP A 53 -6.56 -10.03 -9.63
N HIS A 54 -7.64 -9.34 -9.28
CA HIS A 54 -8.95 -9.62 -9.87
C HIS A 54 -8.95 -9.29 -11.34
N HIS A 55 -8.31 -8.19 -11.71
CA HIS A 55 -8.24 -7.76 -13.11
C HIS A 55 -7.21 -6.65 -13.29
N ILE A 56 -6.36 -6.80 -14.30
CA ILE A 56 -5.34 -5.80 -14.58
C ILE A 56 -5.90 -4.64 -15.40
N GLU A 57 -5.66 -3.42 -14.94
CA GLU A 57 -6.15 -2.23 -15.61
C GLU A 57 -5.21 -1.83 -16.74
N GLU A 58 -4.01 -1.40 -16.39
CA GLU A 58 -3.02 -0.98 -17.38
C GLU A 58 -2.21 -2.18 -17.88
N SER A 59 -2.32 -2.46 -19.18
CA SER A 59 -1.60 -3.56 -19.79
C SER A 59 -1.88 -3.63 -21.29
N GLY A 60 -1.95 -2.47 -21.92
CA GLY A 60 -2.21 -2.41 -23.34
C GLY A 60 -1.25 -1.49 -24.08
N PRO A 61 -0.88 -1.81 -25.32
CA PRO A 61 0.03 -0.98 -26.12
C PRO A 61 -0.42 0.47 -26.20
N SER A 62 0.54 1.37 -26.31
CA SER A 62 0.25 2.80 -26.40
C SER A 62 0.66 3.35 -27.76
N SER A 63 -0.32 3.52 -28.65
CA SER A 63 -0.06 4.04 -29.98
C SER A 63 0.87 3.12 -30.76
N GLY A 64 0.71 3.08 -32.08
CA GLY A 64 1.55 2.25 -32.90
C GLY A 64 0.87 0.95 -33.28
N GLY A 1 -23.43 22.61 -1.07
CA GLY A 1 -23.97 21.89 0.13
C GLY A 1 -24.02 20.39 -0.07
N SER A 2 -23.94 19.65 1.03
CA SER A 2 -23.98 18.19 0.98
C SER A 2 -22.80 17.66 0.17
N SER A 3 -22.74 16.34 0.03
CA SER A 3 -21.67 15.70 -0.72
C SER A 3 -20.30 16.00 -0.10
N GLY A 4 -19.27 15.40 -0.64
CA GLY A 4 -17.92 15.62 -0.13
C GLY A 4 -17.33 14.37 0.51
N SER A 5 -18.20 13.50 1.02
CA SER A 5 -17.75 12.27 1.65
C SER A 5 -18.92 11.29 1.80
N SER A 6 -18.85 10.19 1.06
CA SER A 6 -19.89 9.17 1.10
C SER A 6 -19.31 7.78 0.84
N GLY A 7 -18.84 7.57 -0.38
CA GLY A 7 -18.26 6.29 -0.74
C GLY A 7 -18.03 6.14 -2.24
N VAL A 8 -16.90 6.66 -2.70
CA VAL A 8 -16.56 6.59 -4.12
C VAL A 8 -15.06 6.47 -4.33
N THR A 9 -14.66 5.56 -5.19
CA THR A 9 -13.25 5.34 -5.48
C THR A 9 -12.85 6.01 -6.79
N TYR A 10 -12.37 7.25 -6.69
CA TYR A 10 -11.94 8.00 -7.86
C TYR A 10 -10.59 8.68 -7.62
N ASP A 11 -9.76 8.05 -6.79
CA ASP A 11 -8.45 8.60 -6.47
C ASP A 11 -7.58 7.55 -5.78
N ASP A 12 -6.73 6.89 -6.57
CA ASP A 12 -5.84 5.87 -6.04
C ASP A 12 -4.39 6.14 -6.44
N VAL A 13 -4.06 7.42 -6.61
CA VAL A 13 -2.71 7.81 -7.00
C VAL A 13 -2.07 8.70 -5.94
N HIS A 14 -2.46 8.48 -4.69
CA HIS A 14 -1.92 9.26 -3.57
C HIS A 14 -0.63 8.64 -3.06
N MET A 15 0.50 9.23 -3.43
CA MET A 15 1.80 8.74 -2.99
C MET A 15 2.07 7.34 -3.55
N ASN A 16 1.61 7.10 -4.77
CA ASN A 16 1.81 5.81 -5.41
C ASN A 16 2.75 5.93 -6.61
N PHE A 17 4.04 5.76 -6.36
CA PHE A 17 5.05 5.86 -7.41
C PHE A 17 5.41 4.47 -7.94
N THR A 18 5.34 4.30 -9.25
CA THR A 18 5.66 3.03 -9.88
C THR A 18 7.16 2.74 -9.77
N GLU A 19 7.58 1.62 -10.37
CA GLU A 19 8.98 1.23 -10.34
C GLU A 19 9.84 2.23 -11.11
N GLU A 20 9.35 2.65 -12.26
CA GLU A 20 10.08 3.61 -13.09
C GLU A 20 10.21 4.95 -12.38
N GLU A 21 9.09 5.50 -11.92
CA GLU A 21 9.08 6.78 -11.23
C GLU A 21 9.96 6.72 -9.98
N TRP A 22 9.94 5.57 -9.31
CA TRP A 22 10.74 5.38 -8.10
C TRP A 22 12.19 5.79 -8.31
N ASP A 23 12.65 5.71 -9.56
CA ASP A 23 14.02 6.07 -9.90
C ASP A 23 14.14 7.56 -10.21
N LEU A 24 13.01 8.19 -10.55
CA LEU A 24 13.00 9.61 -10.87
C LEU A 24 12.63 10.45 -9.65
N LEU A 25 12.78 9.88 -8.46
CA LEU A 25 12.46 10.59 -7.23
C LEU A 25 13.73 10.97 -6.47
N ASP A 26 13.55 11.64 -5.33
CA ASP A 26 14.69 12.05 -4.51
C ASP A 26 14.81 11.21 -3.26
N SER A 27 15.75 11.56 -2.40
CA SER A 27 15.97 10.83 -1.15
C SER A 27 14.80 11.05 -0.19
N SER A 28 14.24 12.26 -0.21
CA SER A 28 13.12 12.59 0.66
C SER A 28 11.89 11.76 0.31
N GLN A 29 11.60 11.67 -0.99
CA GLN A 29 10.45 10.91 -1.46
C GLN A 29 10.64 9.42 -1.20
N LYS A 30 11.84 8.92 -1.50
CA LYS A 30 12.15 7.52 -1.30
C LYS A 30 11.99 7.12 0.17
N ARG A 31 12.21 8.08 1.07
CA ARG A 31 12.09 7.83 2.49
C ARG A 31 10.66 8.03 2.96
N LEU A 32 9.96 8.97 2.34
CA LEU A 32 8.57 9.26 2.69
C LEU A 32 7.66 8.11 2.29
N TYR A 33 7.83 7.62 1.07
CA TYR A 33 7.02 6.52 0.56
C TYR A 33 7.30 5.25 1.36
N GLU A 34 8.53 5.12 1.86
CA GLU A 34 8.92 3.96 2.63
C GLU A 34 8.32 4.01 4.04
N GLU A 35 8.12 5.22 4.55
CA GLU A 35 7.56 5.41 5.89
C GLU A 35 6.16 4.80 5.97
N VAL A 36 5.36 5.01 4.92
CA VAL A 36 4.01 4.49 4.88
C VAL A 36 4.00 3.00 4.53
N MET A 37 5.01 2.57 3.77
CA MET A 37 5.12 1.18 3.37
C MET A 37 5.17 0.26 4.59
N LEU A 38 6.02 0.60 5.55
CA LEU A 38 6.16 -0.19 6.76
C LEU A 38 4.88 -0.18 7.58
N GLU A 39 4.15 0.93 7.49
CA GLU A 39 2.89 1.08 8.23
C GLU A 39 1.87 0.04 7.77
N THR A 40 1.94 -0.32 6.50
CA THR A 40 1.02 -1.31 5.93
C THR A 40 1.74 -2.63 5.66
N TYR A 41 2.65 -3.00 6.55
CA TYR A 41 3.41 -4.23 6.41
C TYR A 41 3.55 -4.95 7.75
N GLN A 42 3.93 -4.19 8.78
CA GLN A 42 4.09 -4.75 10.12
C GLN A 42 2.81 -4.64 10.92
N ASN A 43 1.90 -3.76 10.50
CA ASN A 43 0.64 -3.56 11.19
C ASN A 43 -0.48 -4.36 10.52
N LEU A 44 -0.12 -5.48 9.91
CA LEU A 44 -1.10 -6.33 9.23
C LEU A 44 -1.71 -7.33 10.21
N THR A 45 -2.30 -6.82 11.29
CA THR A 45 -2.93 -7.66 12.29
C THR A 45 -4.06 -8.49 11.69
N ASP A 46 -4.59 -8.03 10.56
CA ASP A 46 -5.68 -8.72 9.89
C ASP A 46 -5.36 -8.98 8.42
N ILE A 47 -4.09 -8.83 8.06
CA ILE A 47 -3.65 -9.06 6.68
C ILE A 47 -4.58 -8.38 5.68
N GLY A 48 -4.49 -7.07 5.58
CA GLY A 48 -5.32 -6.32 4.65
C GLY A 48 -6.01 -5.15 5.31
N TYR A 49 -7.23 -4.86 4.87
CA TYR A 49 -8.01 -3.75 5.43
C TYR A 49 -9.49 -4.10 5.51
N ASN A 50 -10.00 -4.21 6.73
CA ASN A 50 -11.40 -4.54 6.94
C ASN A 50 -12.12 -3.42 7.67
N TRP A 51 -12.81 -2.56 6.90
CA TRP A 51 -13.53 -1.44 7.48
C TRP A 51 -15.01 -1.79 7.67
N GLN A 52 -15.31 -3.08 7.73
CA GLN A 52 -16.69 -3.53 7.90
C GLN A 52 -16.90 -4.13 9.29
N ASP A 53 -16.20 -3.56 10.28
CA ASP A 53 -16.31 -4.05 11.65
C ASP A 53 -17.15 -3.10 12.49
N HIS A 54 -18.45 -3.38 12.57
CA HIS A 54 -19.36 -2.55 13.35
C HIS A 54 -20.26 -3.41 14.24
N HIS A 55 -20.82 -4.46 13.65
CA HIS A 55 -21.70 -5.36 14.39
C HIS A 55 -21.22 -6.81 14.26
N ILE A 56 -21.26 -7.53 15.37
CA ILE A 56 -20.83 -8.93 15.39
C ILE A 56 -21.65 -9.77 14.41
N GLU A 57 -20.99 -10.32 13.41
CA GLU A 57 -21.65 -11.15 12.42
C GLU A 57 -20.68 -12.15 11.79
N GLU A 58 -19.60 -11.63 11.20
CA GLU A 58 -18.60 -12.48 10.57
C GLU A 58 -17.29 -12.46 11.37
N SER A 59 -17.42 -12.30 12.69
CA SER A 59 -16.26 -12.27 13.56
C SER A 59 -16.55 -13.00 14.87
N GLY A 60 -16.54 -14.33 14.83
CA GLY A 60 -16.80 -15.12 16.01
C GLY A 60 -17.16 -16.55 15.68
N PRO A 61 -16.26 -17.51 15.97
CA PRO A 61 -16.50 -18.94 15.70
C PRO A 61 -17.85 -19.41 16.23
N SER A 62 -18.59 -20.12 15.39
CA SER A 62 -19.90 -20.65 15.78
C SER A 62 -19.95 -22.16 15.65
N SER A 63 -21.13 -22.73 15.88
CA SER A 63 -21.32 -24.17 15.79
C SER A 63 -22.05 -24.54 14.50
N GLY A 64 -22.17 -25.85 14.25
CA GLY A 64 -22.87 -26.30 13.06
C GLY A 64 -23.23 -27.78 13.14
N GLY A 1 -3.97 17.18 -17.17
CA GLY A 1 -2.99 16.44 -18.01
C GLY A 1 -1.56 16.68 -17.58
N SER A 2 -1.11 17.93 -17.67
CA SER A 2 0.24 18.29 -17.29
C SER A 2 0.39 19.80 -17.17
N SER A 3 1.60 20.26 -16.84
CA SER A 3 1.87 21.68 -16.70
C SER A 3 3.36 21.93 -16.48
N GLY A 4 3.97 21.11 -15.63
CA GLY A 4 5.39 21.25 -15.35
C GLY A 4 5.65 21.58 -13.89
N SER A 5 6.07 20.57 -13.13
CA SER A 5 6.35 20.75 -11.71
C SER A 5 7.80 20.34 -11.40
N SER A 6 8.23 19.22 -11.99
CA SER A 6 9.58 18.73 -11.77
C SER A 6 9.81 18.39 -10.30
N GLY A 7 8.78 17.87 -9.65
CA GLY A 7 8.89 17.51 -8.24
C GLY A 7 7.74 18.06 -7.42
N VAL A 8 6.91 17.16 -6.90
CA VAL A 8 5.76 17.55 -6.09
C VAL A 8 5.70 16.75 -4.80
N THR A 9 5.67 17.45 -3.67
CA THR A 9 5.61 16.80 -2.36
C THR A 9 4.38 17.26 -1.59
N TYR A 10 3.31 17.57 -2.32
CA TYR A 10 2.07 18.01 -1.72
C TYR A 10 1.51 16.95 -0.76
N ASP A 11 1.91 15.71 -0.98
CA ASP A 11 1.45 14.59 -0.14
C ASP A 11 -0.05 14.37 -0.32
N ASP A 12 -0.54 14.61 -1.52
CA ASP A 12 -1.95 14.44 -1.82
C ASP A 12 -2.16 13.47 -2.99
N VAL A 13 -1.12 12.70 -3.30
CA VAL A 13 -1.19 11.74 -4.40
C VAL A 13 -1.27 10.30 -3.88
N HIS A 14 -1.32 10.15 -2.55
CA HIS A 14 -1.39 8.84 -1.94
C HIS A 14 -0.18 7.98 -2.29
N MET A 15 0.91 8.64 -2.70
CA MET A 15 2.14 7.94 -3.06
C MET A 15 1.85 6.78 -4.01
N ASN A 16 1.85 7.06 -5.31
CA ASN A 16 1.59 6.03 -6.31
C ASN A 16 2.67 6.04 -7.39
N PHE A 17 3.92 6.17 -6.97
CA PHE A 17 5.05 6.19 -7.90
C PHE A 17 5.35 4.79 -8.42
N THR A 18 5.60 4.68 -9.71
CA THR A 18 5.90 3.39 -10.33
C THR A 18 7.41 3.14 -10.35
N GLU A 19 7.81 2.05 -10.99
CA GLU A 19 9.22 1.69 -11.09
C GLU A 19 10.00 2.79 -11.79
N GLU A 20 9.45 3.32 -12.87
CA GLU A 20 10.10 4.38 -13.64
C GLU A 20 10.20 5.65 -12.80
N GLU A 21 9.09 6.06 -12.20
CA GLU A 21 9.07 7.26 -11.38
C GLU A 21 9.90 7.07 -10.12
N TRP A 22 9.90 5.86 -9.58
CA TRP A 22 10.66 5.56 -8.37
C TRP A 22 12.14 5.87 -8.56
N ASP A 23 12.60 5.80 -9.80
CA ASP A 23 14.00 6.08 -10.12
C ASP A 23 14.24 7.58 -10.24
N LEU A 24 13.19 8.33 -10.57
CA LEU A 24 13.30 9.78 -10.72
C LEU A 24 12.90 10.49 -9.44
N LEU A 25 12.92 9.78 -8.33
CA LEU A 25 12.55 10.36 -7.04
C LEU A 25 13.79 10.73 -6.24
N ASP A 26 13.60 11.51 -5.17
CA ASP A 26 14.70 11.94 -4.33
C ASP A 26 14.77 11.12 -3.05
N SER A 27 15.72 11.44 -2.19
CA SER A 27 15.89 10.73 -0.93
C SER A 27 14.70 10.97 0.00
N SER A 28 14.10 12.15 -0.11
CA SER A 28 12.95 12.50 0.71
C SER A 28 11.73 11.66 0.33
N GLN A 29 11.54 11.47 -0.97
CA GLN A 29 10.41 10.69 -1.47
C GLN A 29 10.63 9.21 -1.25
N LYS A 30 11.83 8.73 -1.58
CA LYS A 30 12.17 7.33 -1.41
C LYS A 30 12.04 6.90 0.04
N ARG A 31 12.20 7.86 0.95
CA ARG A 31 12.10 7.58 2.39
C ARG A 31 10.67 7.74 2.88
N LEU A 32 9.93 8.65 2.26
CA LEU A 32 8.55 8.90 2.64
C LEU A 32 7.63 7.76 2.18
N TYR A 33 7.88 7.28 0.98
CA TYR A 33 7.09 6.19 0.42
C TYR A 33 7.31 4.90 1.20
N GLU A 34 8.47 4.79 1.85
CA GLU A 34 8.80 3.60 2.63
C GLU A 34 8.20 3.69 4.03
N GLU A 35 8.06 4.91 4.53
CA GLU A 35 7.51 5.13 5.87
C GLU A 35 6.08 4.58 5.95
N VAL A 36 5.36 4.64 4.83
CA VAL A 36 3.99 4.14 4.79
C VAL A 36 3.95 2.64 4.57
N MET A 37 4.95 2.12 3.87
CA MET A 37 5.02 0.70 3.58
C MET A 37 5.10 -0.12 4.86
N LEU A 38 5.70 0.47 5.90
CA LEU A 38 5.85 -0.20 7.19
C LEU A 38 4.54 -0.14 7.97
N GLU A 39 3.78 0.93 7.77
CA GLU A 39 2.51 1.11 8.47
C GLU A 39 1.50 0.04 8.03
N THR A 40 1.61 -0.40 6.79
CA THR A 40 0.71 -1.42 6.26
C THR A 40 1.43 -2.75 6.11
N TYR A 41 2.22 -3.12 7.12
CA TYR A 41 2.96 -4.37 7.10
C TYR A 41 3.37 -4.79 8.51
N GLN A 42 4.06 -3.89 9.20
CA GLN A 42 4.51 -4.16 10.56
C GLN A 42 3.37 -3.99 11.56
N ASN A 43 2.45 -3.09 11.24
CA ASN A 43 1.31 -2.83 12.11
C ASN A 43 0.06 -3.56 11.62
N LEU A 44 -0.07 -3.65 10.30
CA LEU A 44 -1.22 -4.32 9.70
C LEU A 44 -2.53 -3.67 10.13
N THR A 45 -2.48 -2.35 10.36
CA THR A 45 -3.65 -1.61 10.78
C THR A 45 -4.75 -1.66 9.72
N ASP A 46 -4.37 -1.99 8.49
CA ASP A 46 -5.32 -2.08 7.40
C ASP A 46 -6.25 -3.29 7.58
N ILE A 47 -7.11 -3.22 8.60
CA ILE A 47 -8.04 -4.29 8.88
C ILE A 47 -9.49 -3.83 8.65
N GLY A 48 -9.75 -2.56 8.93
CA GLY A 48 -11.09 -2.03 8.75
C GLY A 48 -11.88 -2.00 10.04
N TYR A 49 -11.60 -2.96 10.92
CA TYR A 49 -12.30 -3.04 12.20
C TYR A 49 -11.31 -3.10 13.35
N ASN A 50 -11.52 -2.24 14.34
CA ASN A 50 -10.63 -2.17 15.50
C ASN A 50 -11.29 -2.84 16.71
N TRP A 51 -10.66 -3.90 17.21
CA TRP A 51 -11.18 -4.63 18.36
C TRP A 51 -10.06 -5.01 19.33
N GLN A 52 -8.90 -4.40 19.16
CA GLN A 52 -7.75 -4.69 20.02
C GLN A 52 -7.35 -3.46 20.83
N ASP A 53 -7.64 -2.28 20.28
CA ASP A 53 -7.30 -1.03 20.95
C ASP A 53 -8.56 -0.20 21.21
N HIS A 54 -9.52 -0.28 20.30
CA HIS A 54 -10.77 0.47 20.43
C HIS A 54 -10.51 1.97 20.43
N HIS A 55 -9.59 2.40 19.56
CA HIS A 55 -9.26 3.82 19.45
C HIS A 55 -9.30 4.29 18.00
N ILE A 56 -10.07 5.34 17.75
CA ILE A 56 -10.21 5.89 16.40
C ILE A 56 -8.92 6.58 15.96
N GLU A 57 -8.39 6.13 14.83
CA GLU A 57 -7.15 6.69 14.28
C GLU A 57 -7.46 7.76 13.23
N GLU A 58 -6.41 8.29 12.63
CA GLU A 58 -6.57 9.32 11.60
C GLU A 58 -5.35 9.36 10.68
N SER A 59 -5.38 10.27 9.71
CA SER A 59 -4.28 10.42 8.76
C SER A 59 -3.52 11.72 8.99
N GLY A 60 -3.08 11.93 10.22
CA GLY A 60 -2.35 13.13 10.55
C GLY A 60 -1.96 13.20 12.01
N PRO A 61 -0.77 12.65 12.37
CA PRO A 61 -0.29 12.66 13.76
C PRO A 61 -0.31 14.04 14.38
N SER A 62 -0.03 15.06 13.56
CA SER A 62 -0.02 16.44 14.03
C SER A 62 -1.42 16.93 14.30
N SER A 63 -1.64 17.52 15.47
CA SER A 63 -2.94 18.04 15.85
C SER A 63 -2.82 19.43 16.45
N GLY A 64 -1.83 20.19 15.97
CA GLY A 64 -1.62 21.54 16.47
C GLY A 64 -2.67 22.52 15.94
N GLY A 1 -17.06 25.92 -24.06
CA GLY A 1 -18.16 25.16 -24.70
C GLY A 1 -18.40 23.81 -24.05
N SER A 2 -19.16 22.96 -24.72
CA SER A 2 -19.45 21.62 -24.20
C SER A 2 -19.63 20.62 -25.34
N SER A 3 -18.51 20.18 -25.91
CA SER A 3 -18.55 19.22 -27.01
C SER A 3 -17.79 17.94 -26.65
N GLY A 4 -16.63 18.12 -26.02
CA GLY A 4 -15.83 16.98 -25.64
C GLY A 4 -15.08 17.21 -24.34
N SER A 5 -13.84 16.74 -24.28
CA SER A 5 -13.02 16.91 -23.08
C SER A 5 -13.67 16.23 -21.88
N SER A 6 -13.39 14.94 -21.71
CA SER A 6 -13.94 14.18 -20.59
C SER A 6 -12.91 13.23 -20.01
N GLY A 7 -12.68 13.34 -18.71
CA GLY A 7 -11.70 12.48 -18.06
C GLY A 7 -12.36 11.32 -17.33
N VAL A 8 -11.54 10.34 -16.95
CA VAL A 8 -12.04 9.17 -16.24
C VAL A 8 -11.66 9.21 -14.77
N THR A 9 -12.53 8.67 -13.92
CA THR A 9 -12.28 8.64 -12.48
C THR A 9 -11.11 7.71 -12.15
N TYR A 10 -9.91 8.27 -12.13
CA TYR A 10 -8.71 7.49 -11.82
C TYR A 10 -7.70 8.33 -11.05
N ASP A 11 -8.20 9.29 -10.26
CA ASP A 11 -7.33 10.15 -9.48
C ASP A 11 -6.74 9.39 -8.29
N ASP A 12 -5.83 8.47 -8.59
CA ASP A 12 -5.18 7.67 -7.56
C ASP A 12 -3.67 7.76 -7.67
N VAL A 13 -3.18 8.89 -8.17
CA VAL A 13 -1.74 9.10 -8.32
C VAL A 13 -1.18 9.91 -7.15
N HIS A 14 -1.77 9.74 -5.98
CA HIS A 14 -1.32 10.46 -4.79
C HIS A 14 -0.23 9.67 -4.07
N MET A 15 1.02 10.02 -4.34
CA MET A 15 2.15 9.34 -3.73
C MET A 15 2.26 7.90 -4.21
N ASN A 16 1.83 7.67 -5.45
CA ASN A 16 1.87 6.33 -6.03
C ASN A 16 2.89 6.25 -7.15
N PHE A 17 4.15 6.47 -6.82
CA PHE A 17 5.22 6.43 -7.81
C PHE A 17 5.51 4.99 -8.24
N THR A 18 5.45 4.74 -9.54
CA THR A 18 5.71 3.41 -10.08
C THR A 18 7.20 3.09 -10.06
N GLU A 19 7.57 1.96 -10.62
CA GLU A 19 8.96 1.53 -10.66
C GLU A 19 9.81 2.54 -11.41
N GLU A 20 9.32 2.99 -12.55
CA GLU A 20 10.04 3.97 -13.38
C GLU A 20 10.23 5.28 -12.62
N GLU A 21 9.14 5.81 -12.07
CA GLU A 21 9.18 7.06 -11.32
C GLU A 21 10.01 6.90 -10.05
N TRP A 22 9.98 5.70 -9.48
CA TRP A 22 10.75 5.42 -8.26
C TRP A 22 12.23 5.73 -8.45
N ASP A 23 12.70 5.60 -9.69
CA ASP A 23 14.09 5.87 -10.00
C ASP A 23 14.34 7.36 -10.19
N LEU A 24 13.29 8.08 -10.57
CA LEU A 24 13.40 9.52 -10.78
C LEU A 24 12.99 10.31 -9.53
N LEU A 25 13.00 9.64 -8.39
CA LEU A 25 12.64 10.28 -7.13
C LEU A 25 13.88 10.61 -6.30
N ASP A 26 13.68 11.34 -5.21
CA ASP A 26 14.78 11.71 -4.34
C ASP A 26 14.73 10.93 -3.03
N SER A 27 15.77 11.09 -2.21
CA SER A 27 15.85 10.39 -0.93
C SER A 27 14.65 10.75 -0.05
N SER A 28 14.13 11.95 -0.23
CA SER A 28 12.98 12.41 0.54
C SER A 28 11.72 11.65 0.16
N GLN A 29 11.54 11.44 -1.14
CA GLN A 29 10.36 10.73 -1.63
C GLN A 29 10.51 9.23 -1.42
N LYS A 30 11.74 8.74 -1.49
CA LYS A 30 12.02 7.32 -1.31
C LYS A 30 11.73 6.88 0.12
N ARG A 31 12.06 7.74 1.08
CA ARG A 31 11.83 7.43 2.48
C ARG A 31 10.39 7.72 2.89
N LEU A 32 9.81 8.75 2.29
CA LEU A 32 8.44 9.15 2.59
C LEU A 32 7.46 8.08 2.11
N TYR A 33 7.69 7.57 0.90
CA TYR A 33 6.85 6.54 0.32
C TYR A 33 6.95 5.24 1.12
N GLU A 34 8.09 5.05 1.77
CA GLU A 34 8.33 3.85 2.56
C GLU A 34 7.70 3.98 3.95
N GLU A 35 7.60 5.22 4.43
CA GLU A 35 7.02 5.48 5.74
C GLU A 35 5.61 4.90 5.85
N VAL A 36 4.89 4.90 4.74
CA VAL A 36 3.53 4.37 4.71
C VAL A 36 3.53 2.84 4.64
N MET A 37 4.57 2.29 4.02
CA MET A 37 4.69 0.84 3.88
C MET A 37 4.91 0.19 5.24
N LEU A 38 5.62 0.87 6.11
CA LEU A 38 5.91 0.36 7.46
C LEU A 38 4.62 0.09 8.22
N GLU A 39 3.63 0.95 8.02
CA GLU A 39 2.34 0.81 8.69
C GLU A 39 1.56 -0.37 8.12
N THR A 40 1.77 -0.65 6.85
CA THR A 40 1.07 -1.75 6.18
C THR A 40 2.02 -2.92 5.92
N TYR A 41 2.79 -3.28 6.94
CA TYR A 41 3.75 -4.37 6.83
C TYR A 41 4.25 -4.80 8.20
N GLN A 42 4.59 -3.82 9.03
CA GLN A 42 5.09 -4.09 10.37
C GLN A 42 3.98 -3.93 11.41
N ASN A 43 2.75 -4.19 11.00
CA ASN A 43 1.60 -4.08 11.89
C ASN A 43 0.56 -5.15 11.58
N LEU A 44 1.00 -6.25 10.98
CA LEU A 44 0.10 -7.35 10.63
C LEU A 44 -0.16 -8.23 11.85
N THR A 45 0.90 -8.58 12.57
CA THR A 45 0.79 -9.41 13.75
C THR A 45 0.43 -10.86 13.40
N ASP A 46 0.43 -11.17 12.10
CA ASP A 46 0.11 -12.52 11.64
C ASP A 46 0.77 -12.81 10.30
N ILE A 47 1.97 -13.36 10.35
CA ILE A 47 2.72 -13.68 9.14
C ILE A 47 3.12 -15.16 9.12
N GLY A 48 2.24 -16.00 9.65
CA GLY A 48 2.52 -17.44 9.69
C GLY A 48 1.40 -18.23 10.33
N TYR A 49 1.36 -19.52 10.06
CA TYR A 49 0.34 -20.39 10.63
C TYR A 49 0.80 -21.85 10.64
N ASN A 50 1.45 -22.26 11.72
CA ASN A 50 1.94 -23.62 11.85
C ASN A 50 1.26 -24.34 13.02
N TRP A 51 0.46 -25.34 12.70
CA TRP A 51 -0.26 -26.10 13.72
C TRP A 51 0.21 -27.56 13.73
N GLN A 52 1.40 -27.81 13.21
CA GLN A 52 1.96 -29.16 13.17
C GLN A 52 3.38 -29.18 13.73
N ASP A 53 3.48 -29.13 15.06
CA ASP A 53 4.78 -29.15 15.72
C ASP A 53 4.69 -29.86 17.06
N HIS A 54 4.47 -31.17 17.01
CA HIS A 54 4.37 -31.97 18.23
C HIS A 54 5.75 -32.38 18.73
N HIS A 55 6.68 -32.58 17.79
CA HIS A 55 8.03 -32.98 18.13
C HIS A 55 8.05 -34.30 18.88
N ILE A 56 8.29 -35.39 18.15
CA ILE A 56 8.33 -36.72 18.75
C ILE A 56 9.60 -36.92 19.58
N GLU A 57 9.43 -37.42 20.79
CA GLU A 57 10.57 -37.65 21.68
C GLU A 57 11.57 -38.62 21.05
N GLU A 58 11.06 -39.52 20.23
CA GLU A 58 11.90 -40.51 19.56
C GLU A 58 12.38 -40.00 18.21
N SER A 59 12.92 -38.78 18.21
CA SER A 59 13.42 -38.18 16.97
C SER A 59 14.93 -38.37 16.84
N GLY A 60 15.34 -39.61 16.59
CA GLY A 60 16.75 -39.91 16.45
C GLY A 60 17.17 -41.15 17.21
N PRO A 61 17.10 -41.12 18.55
CA PRO A 61 17.48 -42.28 19.39
C PRO A 61 16.76 -43.55 18.98
N SER A 62 17.07 -44.65 19.66
CA SER A 62 16.44 -45.93 19.38
C SER A 62 16.93 -47.00 20.35
N SER A 63 18.25 -47.11 20.50
CA SER A 63 18.84 -48.09 21.41
C SER A 63 18.58 -47.72 22.86
N GLY A 64 18.91 -48.63 23.77
CA GLY A 64 18.71 -48.38 25.18
C GLY A 64 17.92 -49.49 25.86
N GLY A 1 -27.20 11.81 -16.46
CA GLY A 1 -26.24 12.66 -15.70
C GLY A 1 -26.43 14.14 -15.97
N SER A 2 -26.01 14.98 -15.02
CA SER A 2 -26.13 16.42 -15.18
C SER A 2 -24.75 17.07 -15.29
N SER A 3 -23.95 16.94 -14.25
CA SER A 3 -22.61 17.52 -14.23
C SER A 3 -21.62 16.59 -14.92
N GLY A 4 -20.88 17.12 -15.89
CA GLY A 4 -19.90 16.32 -16.60
C GLY A 4 -18.60 17.06 -16.82
N SER A 5 -17.68 16.43 -17.53
CA SER A 5 -16.38 17.04 -17.82
C SER A 5 -15.60 17.28 -16.53
N SER A 6 -14.31 16.97 -16.57
CA SER A 6 -13.44 17.15 -15.41
C SER A 6 -13.01 18.60 -15.26
N GLY A 7 -12.50 18.94 -14.08
CA GLY A 7 -12.06 20.30 -13.84
C GLY A 7 -10.86 20.37 -12.91
N VAL A 8 -10.79 21.41 -12.10
CA VAL A 8 -9.69 21.59 -11.17
C VAL A 8 -9.79 20.60 -10.01
N THR A 9 -8.82 20.67 -9.10
CA THR A 9 -8.80 19.78 -7.94
C THR A 9 -8.71 18.32 -8.38
N TYR A 10 -7.80 18.04 -9.31
CA TYR A 10 -7.60 16.68 -9.81
C TYR A 10 -6.15 16.26 -9.68
N ASP A 11 -5.49 16.72 -8.62
CA ASP A 11 -4.10 16.39 -8.38
C ASP A 11 -3.90 15.85 -6.97
N ASP A 12 -4.29 14.60 -6.75
CA ASP A 12 -4.15 13.97 -5.44
C ASP A 12 -3.56 12.57 -5.57
N VAL A 13 -2.70 12.38 -6.57
CA VAL A 13 -2.06 11.09 -6.80
C VAL A 13 -0.54 11.22 -6.76
N HIS A 14 -0.04 11.91 -5.74
CA HIS A 14 1.40 12.10 -5.57
C HIS A 14 1.98 11.07 -4.60
N MET A 15 1.29 9.95 -4.44
CA MET A 15 1.74 8.89 -3.55
C MET A 15 1.69 7.53 -4.25
N ASN A 16 1.87 7.54 -5.57
CA ASN A 16 1.84 6.32 -6.35
C ASN A 16 2.91 6.35 -7.44
N PHE A 17 4.17 6.20 -7.04
CA PHE A 17 5.28 6.22 -7.98
C PHE A 17 5.62 4.80 -8.45
N THR A 18 5.66 4.61 -9.76
CA THR A 18 5.98 3.30 -10.33
C THR A 18 7.48 3.04 -10.30
N GLU A 19 7.90 1.94 -10.91
CA GLU A 19 9.31 1.58 -10.96
C GLU A 19 10.14 2.68 -11.62
N GLU A 20 9.66 3.15 -12.77
CA GLU A 20 10.35 4.21 -13.51
C GLU A 20 10.42 5.48 -12.69
N GLU A 21 9.27 5.92 -12.18
CA GLU A 21 9.21 7.13 -11.38
C GLU A 21 10.02 6.99 -10.11
N TRP A 22 10.07 5.78 -9.57
CA TRP A 22 10.82 5.50 -8.35
C TRP A 22 12.28 5.94 -8.50
N ASP A 23 12.78 5.91 -9.72
CA ASP A 23 14.16 6.30 -9.99
C ASP A 23 14.27 7.81 -10.20
N LEU A 24 13.16 8.45 -10.54
CA LEU A 24 13.14 9.89 -10.77
C LEU A 24 12.73 10.64 -9.51
N LEU A 25 12.87 9.99 -8.36
CA LEU A 25 12.51 10.62 -7.09
C LEU A 25 13.74 10.80 -6.21
N ASP A 26 13.62 11.65 -5.19
CA ASP A 26 14.72 11.92 -4.28
C ASP A 26 14.68 10.98 -3.08
N SER A 27 15.72 11.04 -2.26
CA SER A 27 15.81 10.18 -1.07
C SER A 27 14.63 10.43 -0.13
N SER A 28 14.27 11.71 0.03
CA SER A 28 13.17 12.09 0.89
C SER A 28 11.85 11.46 0.41
N GLN A 29 11.76 11.25 -0.90
CA GLN A 29 10.57 10.65 -1.50
C GLN A 29 10.59 9.13 -1.34
N LYS A 30 11.75 8.53 -1.60
CA LYS A 30 11.91 7.09 -1.49
C LYS A 30 11.53 6.60 -0.09
N ARG A 31 11.92 7.37 0.92
CA ARG A 31 11.62 7.00 2.30
C ARG A 31 10.18 7.34 2.65
N LEU A 32 9.68 8.43 2.07
CA LEU A 32 8.31 8.87 2.32
C LEU A 32 7.31 7.79 1.88
N TYR A 33 7.57 7.20 0.72
CA TYR A 33 6.71 6.16 0.19
C TYR A 33 6.87 4.86 0.98
N GLU A 34 8.02 4.71 1.65
CA GLU A 34 8.29 3.53 2.43
C GLU A 34 7.75 3.67 3.85
N GLU A 35 7.65 4.91 4.32
CA GLU A 35 7.15 5.19 5.66
C GLU A 35 5.75 4.61 5.84
N VAL A 36 4.88 4.86 4.87
CA VAL A 36 3.51 4.36 4.93
C VAL A 36 3.48 2.84 5.01
N MET A 37 4.39 2.20 4.29
CA MET A 37 4.47 0.74 4.28
C MET A 37 4.80 0.20 5.67
N LEU A 38 5.57 0.98 6.42
CA LEU A 38 5.96 0.59 7.77
C LEU A 38 4.75 0.47 8.69
N GLU A 39 3.77 1.34 8.47
CA GLU A 39 2.56 1.34 9.28
C GLU A 39 1.44 0.60 8.56
N THR A 40 1.80 -0.34 7.69
CA THR A 40 0.82 -1.11 6.94
C THR A 40 1.46 -2.36 6.34
N TYR A 41 2.44 -2.93 7.06
CA TYR A 41 3.12 -4.13 6.60
C TYR A 41 3.75 -4.87 7.78
N GLN A 42 4.43 -4.12 8.65
CA GLN A 42 5.08 -4.71 9.81
C GLN A 42 4.13 -4.74 11.01
N ASN A 43 3.24 -3.75 11.08
CA ASN A 43 2.29 -3.66 12.17
C ASN A 43 1.00 -4.42 11.85
N LEU A 44 0.89 -4.92 10.63
CA LEU A 44 -0.29 -5.67 10.20
C LEU A 44 -0.54 -6.86 11.12
N THR A 45 0.47 -7.73 11.24
CA THR A 45 0.36 -8.92 12.09
C THR A 45 -0.56 -9.96 11.47
N ASP A 46 -1.00 -9.72 10.23
CA ASP A 46 -1.88 -10.65 9.55
C ASP A 46 -1.85 -10.42 8.04
N ILE A 47 -0.92 -11.09 7.37
CA ILE A 47 -0.78 -10.97 5.92
C ILE A 47 -1.13 -12.27 5.22
N GLY A 48 -2.14 -12.97 5.73
CA GLY A 48 -2.55 -14.22 5.14
C GLY A 48 -1.44 -15.25 5.11
N TYR A 49 -1.62 -16.30 4.31
CA TYR A 49 -0.62 -17.36 4.20
C TYR A 49 0.26 -17.15 2.98
N ASN A 50 0.38 -15.90 2.54
CA ASN A 50 1.20 -15.57 1.36
C ASN A 50 0.87 -16.48 0.19
N TRP A 51 -0.41 -16.54 -0.17
CA TRP A 51 -0.87 -17.37 -1.28
C TRP A 51 -1.19 -16.52 -2.51
N GLN A 52 -0.65 -15.31 -2.55
CA GLN A 52 -0.87 -14.41 -3.67
C GLN A 52 0.29 -14.45 -4.66
N ASP A 53 0.10 -15.18 -5.75
CA ASP A 53 1.13 -15.30 -6.77
C ASP A 53 0.58 -15.96 -8.04
N HIS A 54 -0.67 -15.64 -8.36
CA HIS A 54 -1.32 -16.20 -9.54
C HIS A 54 -1.40 -17.72 -9.45
N HIS A 55 -2.10 -18.33 -10.40
CA HIS A 55 -2.25 -19.78 -10.42
C HIS A 55 -1.29 -20.42 -11.43
N ILE A 56 -0.57 -21.44 -10.97
CA ILE A 56 0.39 -22.14 -11.82
C ILE A 56 0.53 -23.60 -11.41
N GLU A 57 0.14 -24.50 -12.32
CA GLU A 57 0.22 -25.93 -12.06
C GLU A 57 0.95 -26.65 -13.19
N GLU A 58 0.35 -26.65 -14.38
CA GLU A 58 0.94 -27.30 -15.54
C GLU A 58 1.38 -26.27 -16.57
N SER A 59 2.65 -25.89 -16.52
CA SER A 59 3.19 -24.90 -17.45
C SER A 59 3.11 -25.42 -18.89
N GLY A 60 3.29 -26.72 -19.06
CA GLY A 60 3.23 -27.30 -20.39
C GLY A 60 4.30 -28.35 -20.61
N PRO A 61 4.86 -28.46 -21.83
CA PRO A 61 5.90 -29.44 -22.15
C PRO A 61 7.05 -29.41 -21.15
N SER A 62 7.54 -28.21 -20.85
CA SER A 62 8.64 -28.05 -19.91
C SER A 62 8.14 -28.08 -18.47
N SER A 63 8.72 -28.96 -17.67
CA SER A 63 8.33 -29.11 -16.27
C SER A 63 9.51 -29.55 -15.42
N GLY A 64 10.06 -28.63 -14.64
CA GLY A 64 11.19 -28.95 -13.79
C GLY A 64 11.35 -27.97 -12.64
N GLY A 1 -25.11 13.85 -12.66
CA GLY A 1 -25.81 13.63 -13.95
C GLY A 1 -25.63 12.22 -14.47
N SER A 2 -24.81 12.07 -15.51
CA SER A 2 -24.56 10.76 -16.10
C SER A 2 -23.41 10.05 -15.39
N SER A 3 -23.22 8.78 -15.71
CA SER A 3 -22.14 8.00 -15.11
C SER A 3 -21.19 7.48 -16.18
N GLY A 4 -21.74 7.00 -17.29
CA GLY A 4 -20.92 6.48 -18.36
C GLY A 4 -20.88 4.96 -18.38
N SER A 5 -19.70 4.41 -18.14
CA SER A 5 -19.53 2.97 -18.12
C SER A 5 -18.59 2.53 -17.00
N SER A 6 -17.46 3.21 -16.89
CA SER A 6 -16.48 2.92 -15.86
C SER A 6 -15.37 3.97 -15.82
N GLY A 7 -14.40 3.77 -14.93
CA GLY A 7 -13.31 4.71 -14.82
C GLY A 7 -13.73 6.02 -14.17
N VAL A 8 -13.35 6.20 -12.91
CA VAL A 8 -13.69 7.41 -12.18
C VAL A 8 -12.44 8.08 -11.61
N THR A 9 -12.27 9.36 -11.93
CA THR A 9 -11.12 10.12 -11.45
C THR A 9 -11.40 10.71 -10.06
N TYR A 10 -10.82 10.09 -9.04
CA TYR A 10 -10.99 10.55 -7.67
C TYR A 10 -9.72 11.19 -7.12
N ASP A 11 -8.66 11.20 -7.93
CA ASP A 11 -7.39 11.79 -7.52
C ASP A 11 -6.83 11.08 -6.31
N ASP A 12 -6.00 10.05 -6.55
CA ASP A 12 -5.40 9.28 -5.47
C ASP A 12 -3.99 8.83 -5.86
N VAL A 13 -3.31 9.63 -6.67
CA VAL A 13 -1.95 9.32 -7.12
C VAL A 13 -0.98 10.43 -6.72
N HIS A 14 -0.83 10.64 -5.42
CA HIS A 14 0.07 11.67 -4.93
C HIS A 14 1.36 11.05 -4.36
N MET A 15 1.28 9.78 -4.00
CA MET A 15 2.43 9.07 -3.44
C MET A 15 2.54 7.67 -4.04
N ASN A 16 2.11 7.53 -5.29
CA ASN A 16 2.17 6.24 -5.98
C ASN A 16 3.15 6.29 -7.15
N PHE A 17 4.44 6.23 -6.84
CA PHE A 17 5.47 6.28 -7.87
C PHE A 17 5.91 4.87 -8.25
N THR A 18 5.55 4.45 -9.46
CA THR A 18 5.90 3.12 -9.95
C THR A 18 7.42 2.96 -10.02
N GLU A 19 7.87 1.82 -10.53
CA GLU A 19 9.29 1.55 -10.66
C GLU A 19 9.99 2.62 -11.48
N GLU A 20 9.32 3.06 -12.54
CA GLU A 20 9.88 4.10 -13.41
C GLU A 20 10.09 5.40 -12.65
N GLU A 21 9.03 5.92 -12.05
CA GLU A 21 9.10 7.15 -11.28
C GLU A 21 9.99 6.98 -10.06
N TRP A 22 9.95 5.79 -9.47
CA TRP A 22 10.76 5.49 -8.28
C TRP A 22 12.23 5.84 -8.52
N ASP A 23 12.66 5.78 -9.77
CA ASP A 23 14.04 6.09 -10.12
C ASP A 23 14.25 7.59 -10.28
N LEU A 24 13.18 8.29 -10.61
CA LEU A 24 13.25 9.74 -10.80
C LEU A 24 12.81 10.48 -9.53
N LEU A 25 12.85 9.78 -8.40
CA LEU A 25 12.46 10.37 -7.12
C LEU A 25 13.68 10.87 -6.36
N ASP A 26 13.44 11.47 -5.20
CA ASP A 26 14.53 11.99 -4.37
C ASP A 26 14.73 11.12 -3.14
N SER A 27 15.68 11.50 -2.30
CA SER A 27 15.98 10.76 -1.08
C SER A 27 14.82 10.85 -0.09
N SER A 28 14.10 11.97 -0.13
CA SER A 28 12.97 12.18 0.77
C SER A 28 11.75 11.41 0.28
N GLN A 29 11.54 11.41 -1.04
CA GLN A 29 10.40 10.71 -1.62
C GLN A 29 10.54 9.20 -1.46
N LYS A 30 11.73 8.69 -1.76
CA LYS A 30 12.01 7.27 -1.64
C LYS A 30 11.84 6.78 -0.20
N ARG A 31 12.04 7.70 0.75
CA ARG A 31 11.91 7.36 2.16
C ARG A 31 10.48 7.58 2.64
N LEU A 32 9.83 8.62 2.14
CA LEU A 32 8.46 8.93 2.52
C LEU A 32 7.51 7.82 2.09
N TYR A 33 7.74 7.28 0.90
CA TYR A 33 6.91 6.20 0.39
C TYR A 33 7.06 4.94 1.24
N GLU A 34 8.22 4.79 1.87
CA GLU A 34 8.49 3.63 2.71
C GLU A 34 7.75 3.75 4.05
N GLU A 35 7.52 4.99 4.48
CA GLU A 35 6.83 5.23 5.74
C GLU A 35 5.44 4.61 5.74
N VAL A 36 4.68 4.88 4.69
CA VAL A 36 3.32 4.33 4.57
C VAL A 36 3.37 2.80 4.47
N MET A 37 4.41 2.28 3.85
CA MET A 37 4.57 0.84 3.70
C MET A 37 5.05 0.20 5.00
N LEU A 38 5.58 1.01 5.90
CA LEU A 38 6.09 0.51 7.18
C LEU A 38 4.94 0.30 8.17
N GLU A 39 3.90 1.13 8.06
CA GLU A 39 2.75 1.03 8.94
C GLU A 39 1.83 -0.11 8.52
N THR A 40 1.52 -0.17 7.24
CA THR A 40 0.66 -1.23 6.71
C THR A 40 1.48 -2.43 6.26
N TYR A 41 2.18 -3.05 7.21
CA TYR A 41 3.00 -4.22 6.92
C TYR A 41 3.61 -4.78 8.20
N GLN A 42 4.36 -3.94 8.91
CA GLN A 42 4.99 -4.35 10.15
C GLN A 42 3.96 -4.59 11.26
N ASN A 43 2.80 -3.96 11.11
CA ASN A 43 1.73 -4.10 12.10
C ASN A 43 0.70 -5.13 11.64
N LEU A 44 1.15 -6.10 10.84
CA LEU A 44 0.26 -7.15 10.34
C LEU A 44 0.56 -8.47 11.02
N THR A 45 0.99 -8.41 12.28
CA THR A 45 1.30 -9.62 13.04
C THR A 45 0.07 -10.50 13.23
N ASP A 46 -1.11 -9.91 13.04
CA ASP A 46 -2.36 -10.64 13.19
C ASP A 46 -3.01 -10.92 11.84
N ILE A 47 -2.27 -10.65 10.76
CA ILE A 47 -2.77 -10.88 9.40
C ILE A 47 -4.18 -10.31 9.23
N GLY A 48 -4.27 -8.99 9.09
CA GLY A 48 -5.55 -8.34 8.92
C GLY A 48 -5.48 -6.85 9.12
N TYR A 49 -5.11 -6.42 10.32
CA TYR A 49 -5.00 -5.00 10.64
C TYR A 49 -6.36 -4.32 10.50
N ASN A 50 -7.24 -4.56 11.45
CA ASN A 50 -8.58 -3.96 11.43
C ASN A 50 -9.02 -3.58 12.85
N TRP A 51 -8.10 -3.00 13.62
CA TRP A 51 -8.40 -2.59 14.99
C TRP A 51 -8.77 -1.11 15.04
N GLN A 52 -9.29 -0.58 13.94
CA GLN A 52 -9.68 0.82 13.88
C GLN A 52 -11.18 0.98 14.17
N ASP A 53 -11.68 0.21 15.12
CA ASP A 53 -13.09 0.26 15.50
C ASP A 53 -13.38 1.51 16.33
N HIS A 54 -12.36 2.00 17.04
CA HIS A 54 -12.51 3.19 17.87
C HIS A 54 -12.99 4.38 17.04
N HIS A 55 -13.89 5.17 17.61
CA HIS A 55 -14.41 6.34 16.92
C HIS A 55 -13.55 7.57 17.19
N ILE A 56 -12.80 7.99 16.18
CA ILE A 56 -11.93 9.16 16.32
C ILE A 56 -11.29 9.51 14.98
N GLU A 57 -11.66 10.67 14.43
CA GLU A 57 -11.13 11.13 13.16
C GLU A 57 -10.75 12.61 13.23
N GLU A 58 -11.70 13.43 13.66
CA GLU A 58 -11.47 14.87 13.77
C GLU A 58 -12.60 15.55 14.52
N SER A 59 -12.59 15.42 15.84
CA SER A 59 -13.62 16.01 16.69
C SER A 59 -13.13 17.33 17.30
N GLY A 60 -12.33 18.06 16.53
CA GLY A 60 -11.81 19.33 17.00
C GLY A 60 -10.55 19.16 17.82
N PRO A 61 -10.09 20.22 18.52
CA PRO A 61 -8.88 20.17 19.34
C PRO A 61 -8.90 19.01 20.34
N SER A 62 -8.22 17.93 20.00
CA SER A 62 -8.16 16.76 20.86
C SER A 62 -7.00 15.84 20.46
N SER A 63 -6.96 15.49 19.17
CA SER A 63 -5.91 14.63 18.66
C SER A 63 -5.94 13.26 19.35
N GLY A 64 -4.99 12.40 18.98
CA GLY A 64 -4.93 11.08 19.57
C GLY A 64 -4.64 10.01 18.54
N GLY A 1 -24.21 23.61 8.93
CA GLY A 1 -24.90 24.08 7.71
C GLY A 1 -24.56 23.24 6.49
N SER A 2 -24.27 23.90 5.38
CA SER A 2 -23.93 23.20 4.14
C SER A 2 -23.17 24.13 3.20
N SER A 3 -22.88 23.63 1.99
CA SER A 3 -22.15 24.42 0.99
C SER A 3 -20.78 24.82 1.51
N GLY A 4 -19.79 23.96 1.27
CA GLY A 4 -18.44 24.25 1.71
C GLY A 4 -17.48 23.10 1.43
N SER A 5 -17.98 21.88 1.53
CA SER A 5 -17.16 20.70 1.27
C SER A 5 -17.34 20.22 -0.16
N SER A 6 -16.45 19.32 -0.58
CA SER A 6 -16.51 18.77 -1.93
C SER A 6 -16.23 17.27 -1.93
N GLY A 7 -16.85 16.55 -2.87
CA GLY A 7 -16.66 15.11 -2.95
C GLY A 7 -15.79 14.72 -4.12
N VAL A 8 -14.47 14.75 -3.92
CA VAL A 8 -13.52 14.38 -4.95
C VAL A 8 -12.34 13.62 -4.38
N THR A 9 -12.20 12.36 -4.79
CA THR A 9 -11.11 11.53 -4.32
C THR A 9 -10.02 11.39 -5.38
N TYR A 10 -9.43 12.52 -5.75
CA TYR A 10 -8.38 12.54 -6.76
C TYR A 10 -7.01 12.86 -6.15
N ASP A 11 -7.04 13.51 -4.99
CA ASP A 11 -5.81 13.89 -4.29
C ASP A 11 -5.44 12.85 -3.25
N ASP A 12 -5.65 11.57 -3.57
CA ASP A 12 -5.33 10.48 -2.66
C ASP A 12 -4.30 9.54 -3.26
N VAL A 13 -4.15 9.59 -4.58
CA VAL A 13 -3.19 8.74 -5.27
C VAL A 13 -2.03 9.56 -5.84
N HIS A 14 -1.61 10.57 -5.10
CA HIS A 14 -0.51 11.43 -5.54
C HIS A 14 0.84 10.82 -5.22
N MET A 15 0.86 9.88 -4.28
CA MET A 15 2.09 9.20 -3.89
C MET A 15 2.21 7.84 -4.57
N ASN A 16 1.64 7.73 -5.76
CA ASN A 16 1.68 6.47 -6.51
C ASN A 16 2.82 6.49 -7.53
N PHE A 17 4.03 6.25 -7.04
CA PHE A 17 5.21 6.23 -7.90
C PHE A 17 5.53 4.82 -8.35
N THR A 18 5.40 4.56 -9.65
CA THR A 18 5.67 3.25 -10.21
C THR A 18 7.14 2.88 -10.05
N GLU A 19 7.54 1.75 -10.62
CA GLU A 19 8.91 1.29 -10.54
C GLU A 19 9.86 2.29 -11.20
N GLU A 20 9.48 2.76 -12.38
CA GLU A 20 10.30 3.73 -13.11
C GLU A 20 10.39 5.05 -12.36
N GLU A 21 9.24 5.56 -11.91
CA GLU A 21 9.19 6.81 -11.16
C GLU A 21 10.03 6.72 -9.89
N TRP A 22 10.10 5.52 -9.32
CA TRP A 22 10.86 5.30 -8.09
C TRP A 22 12.32 5.72 -8.27
N ASP A 23 12.81 5.65 -9.51
CA ASP A 23 14.18 6.03 -9.82
C ASP A 23 14.30 7.52 -10.05
N LEU A 24 13.20 8.15 -10.45
CA LEU A 24 13.18 9.58 -10.71
C LEU A 24 12.74 10.37 -9.48
N LEU A 25 12.83 9.74 -8.31
CA LEU A 25 12.42 10.40 -7.07
C LEU A 25 13.63 10.84 -6.26
N ASP A 26 13.40 11.43 -5.10
CA ASP A 26 14.48 11.89 -4.24
C ASP A 26 14.57 11.05 -2.97
N SER A 27 15.53 11.38 -2.11
CA SER A 27 15.71 10.65 -0.86
C SER A 27 14.54 10.85 0.08
N SER A 28 13.90 12.02 -0.02
CA SER A 28 12.75 12.33 0.82
C SER A 28 11.51 11.55 0.38
N GLN A 29 11.36 11.41 -0.93
CA GLN A 29 10.22 10.68 -1.49
C GLN A 29 10.39 9.18 -1.32
N LYS A 30 11.63 8.71 -1.48
CA LYS A 30 11.94 7.29 -1.35
C LYS A 30 11.73 6.82 0.08
N ARG A 31 11.99 7.70 1.04
CA ARG A 31 11.84 7.38 2.45
C ARG A 31 10.39 7.59 2.91
N LEU A 32 9.73 8.58 2.33
CA LEU A 32 8.35 8.88 2.67
C LEU A 32 7.42 7.76 2.23
N TYR A 33 7.68 7.23 1.04
CA TYR A 33 6.87 6.14 0.50
C TYR A 33 7.08 4.86 1.31
N GLU A 34 8.26 4.74 1.90
CA GLU A 34 8.60 3.56 2.70
C GLU A 34 7.99 3.66 4.10
N GLU A 35 7.86 4.89 4.60
CA GLU A 35 7.29 5.12 5.92
C GLU A 35 5.86 4.61 5.99
N VAL A 36 5.03 5.05 5.05
CA VAL A 36 3.63 4.63 5.01
C VAL A 36 3.52 3.13 4.79
N MET A 37 4.47 2.57 4.06
CA MET A 37 4.47 1.13 3.78
C MET A 37 4.95 0.34 4.99
N LEU A 38 5.93 0.90 5.71
CA LEU A 38 6.48 0.23 6.89
C LEU A 38 5.42 0.09 7.97
N GLU A 39 4.48 1.03 8.01
CA GLU A 39 3.42 1.00 9.00
C GLU A 39 2.24 0.17 8.50
N THR A 40 2.04 0.15 7.19
CA THR A 40 0.95 -0.61 6.59
C THR A 40 1.46 -1.93 6.01
N TYR A 41 2.24 -2.66 6.79
CA TYR A 41 2.81 -3.92 6.35
C TYR A 41 3.33 -4.74 7.53
N GLN A 42 4.33 -4.18 8.22
CA GLN A 42 4.92 -4.85 9.36
C GLN A 42 3.96 -4.85 10.55
N ASN A 43 3.13 -3.82 10.64
CA ASN A 43 2.16 -3.70 11.73
C ASN A 43 0.83 -4.33 11.34
N LEU A 44 0.47 -4.20 10.07
CA LEU A 44 -0.78 -4.75 9.57
C LEU A 44 -1.98 -4.17 10.32
N THR A 45 -1.88 -2.89 10.66
CA THR A 45 -2.96 -2.22 11.39
C THR A 45 -4.00 -1.65 10.44
N ASP A 46 -3.86 -1.94 9.14
CA ASP A 46 -4.79 -1.45 8.14
C ASP A 46 -5.46 -2.61 7.39
N ILE A 47 -5.06 -3.84 7.72
CA ILE A 47 -5.62 -5.02 7.07
C ILE A 47 -6.05 -6.06 8.10
N GLY A 48 -5.18 -6.30 9.08
CA GLY A 48 -5.49 -7.26 10.12
C GLY A 48 -5.23 -8.69 9.67
N TYR A 49 -4.30 -9.36 10.35
CA TYR A 49 -3.96 -10.74 10.01
C TYR A 49 -3.45 -10.84 8.58
N ASN A 50 -3.33 -12.07 8.07
CA ASN A 50 -2.85 -12.30 6.72
C ASN A 50 -3.22 -13.71 6.24
N TRP A 51 -4.44 -13.86 5.77
CA TRP A 51 -4.92 -15.14 5.27
C TRP A 51 -5.13 -15.11 3.76
N GLN A 52 -4.47 -14.17 3.09
CA GLN A 52 -4.59 -14.04 1.65
C GLN A 52 -3.28 -14.38 0.95
N ASP A 53 -2.18 -14.32 1.69
CA ASP A 53 -0.86 -14.63 1.14
C ASP A 53 -0.11 -15.61 2.03
N HIS A 54 -0.27 -16.89 1.76
CA HIS A 54 0.40 -17.93 2.54
C HIS A 54 1.53 -18.57 1.75
N HIS A 55 2.74 -18.51 2.30
CA HIS A 55 3.91 -19.10 1.64
C HIS A 55 5.02 -19.37 2.64
N ILE A 56 4.66 -20.00 3.76
CA ILE A 56 5.62 -20.33 4.80
C ILE A 56 6.32 -21.65 4.50
N GLU A 57 7.64 -21.67 4.67
CA GLU A 57 8.43 -22.87 4.42
C GLU A 57 8.89 -23.51 5.73
N GLU A 58 9.16 -24.81 5.68
CA GLU A 58 9.60 -25.53 6.87
C GLU A 58 11.06 -25.94 6.74
N SER A 59 11.51 -26.15 5.51
CA SER A 59 12.89 -26.54 5.26
C SER A 59 13.86 -25.49 5.81
N GLY A 60 14.35 -25.72 7.01
CA GLY A 60 15.28 -24.80 7.63
C GLY A 60 14.87 -24.41 9.04
N PRO A 61 15.13 -25.28 10.04
CA PRO A 61 14.79 -25.02 11.43
C PRO A 61 15.31 -23.67 11.91
N SER A 62 16.62 -23.51 11.90
CA SER A 62 17.24 -22.26 12.34
C SER A 62 17.51 -21.33 11.15
N SER A 63 17.80 -20.07 11.44
CA SER A 63 18.07 -19.09 10.40
C SER A 63 18.87 -17.92 10.95
N GLY A 64 20.13 -17.82 10.55
CA GLY A 64 20.98 -16.74 11.02
C GLY A 64 21.73 -17.10 12.28
N GLY A 1 -19.84 11.16 -20.59
CA GLY A 1 -20.38 12.53 -20.79
C GLY A 1 -21.89 12.53 -21.00
N SER A 2 -22.64 12.58 -19.91
CA SER A 2 -24.09 12.59 -19.97
C SER A 2 -24.68 13.47 -18.88
N SER A 3 -24.20 13.30 -17.66
CA SER A 3 -24.68 14.09 -16.53
C SER A 3 -23.74 13.95 -15.33
N GLY A 4 -23.14 15.07 -14.93
CA GLY A 4 -22.22 15.05 -13.80
C GLY A 4 -22.94 15.23 -12.48
N SER A 5 -22.43 16.13 -11.65
CA SER A 5 -23.02 16.39 -10.34
C SER A 5 -23.02 15.13 -9.48
N SER A 6 -22.01 14.28 -9.68
CA SER A 6 -21.89 13.04 -8.92
C SER A 6 -20.58 13.00 -8.15
N GLY A 7 -19.50 13.42 -8.81
CA GLY A 7 -18.19 13.42 -8.18
C GLY A 7 -17.28 12.36 -8.74
N VAL A 8 -16.36 12.78 -9.61
CA VAL A 8 -15.41 11.85 -10.22
C VAL A 8 -14.57 11.14 -9.16
N THR A 9 -14.26 9.87 -9.40
CA THR A 9 -13.46 9.08 -8.48
C THR A 9 -12.12 8.72 -9.09
N TYR A 10 -11.12 9.56 -8.85
CA TYR A 10 -9.78 9.32 -9.39
C TYR A 10 -8.71 9.61 -8.33
N ASP A 11 -9.06 9.37 -7.07
CA ASP A 11 -8.14 9.61 -5.97
C ASP A 11 -7.68 8.29 -5.35
N ASP A 12 -6.67 7.67 -5.95
CA ASP A 12 -6.15 6.41 -5.46
C ASP A 12 -4.64 6.31 -5.71
N VAL A 13 -3.98 7.46 -5.76
CA VAL A 13 -2.54 7.50 -5.99
C VAL A 13 -1.95 8.82 -5.50
N HIS A 14 -2.10 9.08 -4.20
CA HIS A 14 -1.58 10.30 -3.60
C HIS A 14 -0.07 10.41 -3.77
N MET A 15 0.57 9.27 -4.00
CA MET A 15 2.02 9.22 -4.18
C MET A 15 2.47 7.85 -4.68
N ASN A 16 1.64 7.22 -5.51
CA ASN A 16 1.96 5.91 -6.04
C ASN A 16 2.96 6.02 -7.19
N PHE A 17 4.22 6.25 -6.85
CA PHE A 17 5.27 6.37 -7.85
C PHE A 17 5.58 5.03 -8.49
N THR A 18 5.37 4.92 -9.79
CA THR A 18 5.62 3.69 -10.51
C THR A 18 7.10 3.30 -10.42
N GLU A 19 7.45 2.21 -11.09
CA GLU A 19 8.83 1.72 -11.08
C GLU A 19 9.77 2.77 -11.68
N GLU A 20 9.39 3.30 -12.84
CA GLU A 20 10.20 4.31 -13.51
C GLU A 20 10.30 5.58 -12.67
N GLU A 21 9.18 6.05 -12.17
CA GLU A 21 9.14 7.26 -11.35
C GLU A 21 9.99 7.08 -10.09
N TRP A 22 10.07 5.85 -9.60
CA TRP A 22 10.84 5.54 -8.41
C TRP A 22 12.32 5.89 -8.61
N ASP A 23 12.78 5.75 -9.85
CA ASP A 23 14.17 6.06 -10.20
C ASP A 23 14.39 7.56 -10.34
N LEU A 24 13.32 8.27 -10.69
CA LEU A 24 13.39 9.71 -10.87
C LEU A 24 12.98 10.45 -9.60
N LEU A 25 13.02 9.76 -8.47
CA LEU A 25 12.65 10.35 -7.19
C LEU A 25 13.89 10.80 -6.42
N ASP A 26 13.68 11.31 -5.20
CA ASP A 26 14.77 11.77 -4.37
C ASP A 26 14.80 11.02 -3.04
N SER A 27 15.72 11.40 -2.17
CA SER A 27 15.86 10.77 -0.86
C SER A 27 14.68 11.11 0.05
N SER A 28 13.95 12.17 -0.30
CA SER A 28 12.80 12.59 0.48
C SER A 28 11.56 11.78 0.11
N GLN A 29 11.44 11.42 -1.16
CA GLN A 29 10.31 10.64 -1.64
C GLN A 29 10.53 9.15 -1.39
N LYS A 30 11.75 8.70 -1.65
CA LYS A 30 12.09 7.28 -1.45
C LYS A 30 11.87 6.86 -0.01
N ARG A 31 12.04 7.81 0.92
CA ARG A 31 11.87 7.54 2.33
C ARG A 31 10.41 7.69 2.74
N LEU A 32 9.70 8.60 2.07
CA LEU A 32 8.29 8.84 2.36
C LEU A 32 7.44 7.65 1.97
N TYR A 33 7.73 7.08 0.81
CA TYR A 33 6.99 5.92 0.31
C TYR A 33 7.27 4.70 1.17
N GLU A 34 8.42 4.68 1.83
CA GLU A 34 8.79 3.56 2.68
C GLU A 34 8.19 3.70 4.07
N GLU A 35 8.00 4.95 4.51
CA GLU A 35 7.43 5.22 5.81
C GLU A 35 6.03 4.64 5.93
N VAL A 36 5.27 4.73 4.84
CA VAL A 36 3.90 4.21 4.82
C VAL A 36 3.90 2.69 4.83
N MET A 37 4.93 2.08 4.25
CA MET A 37 5.05 0.63 4.18
C MET A 37 5.16 0.04 5.58
N LEU A 38 5.83 0.77 6.48
CA LEU A 38 6.03 0.32 7.85
C LEU A 38 4.68 0.11 8.54
N GLU A 39 3.79 1.08 8.38
CA GLU A 39 2.47 1.01 9.00
C GLU A 39 1.65 -0.13 8.42
N THR A 40 1.79 -0.35 7.10
CA THR A 40 1.06 -1.41 6.42
C THR A 40 1.95 -2.63 6.21
N TYR A 41 2.69 -3.00 7.26
CA TYR A 41 3.58 -4.15 7.18
C TYR A 41 3.80 -4.77 8.56
N GLN A 42 4.13 -3.92 9.53
CA GLN A 42 4.37 -4.37 10.90
C GLN A 42 3.10 -4.29 11.74
N ASN A 43 1.96 -4.11 11.07
CA ASN A 43 0.68 -4.02 11.77
C ASN A 43 -0.20 -5.23 11.47
N LEU A 44 0.00 -5.84 10.30
CA LEU A 44 -0.76 -7.01 9.91
C LEU A 44 0.08 -8.28 10.03
N THR A 45 0.43 -8.63 11.25
CA THR A 45 1.23 -9.81 11.51
C THR A 45 0.37 -11.07 11.63
N ASP A 46 -0.93 -10.92 11.38
CA ASP A 46 -1.86 -12.04 11.47
C ASP A 46 -1.88 -12.83 10.15
N ILE A 47 -0.71 -13.31 9.75
CA ILE A 47 -0.59 -14.08 8.52
C ILE A 47 -0.48 -15.58 8.81
N GLY A 48 -1.11 -16.00 9.90
CA GLY A 48 -1.08 -17.40 10.27
C GLY A 48 0.05 -17.71 11.23
N TYR A 49 1.25 -17.24 10.90
CA TYR A 49 2.42 -17.47 11.73
C TYR A 49 2.69 -18.96 11.90
N ASN A 50 3.76 -19.30 12.60
CA ASN A 50 4.13 -20.68 12.84
C ASN A 50 5.23 -20.79 13.89
N TRP A 51 4.84 -20.72 15.15
CA TRP A 51 5.80 -20.80 16.25
C TRP A 51 5.92 -22.23 16.77
N GLN A 52 5.47 -23.19 15.97
CA GLN A 52 5.53 -24.60 16.36
C GLN A 52 6.76 -25.27 15.78
N ASP A 53 7.90 -25.11 16.45
CA ASP A 53 9.16 -25.70 16.00
C ASP A 53 9.40 -27.04 16.69
N HIS A 54 8.35 -27.83 16.84
CA HIS A 54 8.45 -29.14 17.48
C HIS A 54 7.39 -30.09 16.96
N HIS A 55 7.52 -31.36 17.30
CA HIS A 55 6.56 -32.38 16.86
C HIS A 55 5.26 -32.28 17.67
N ILE A 56 4.15 -32.55 17.01
CA ILE A 56 2.85 -32.50 17.66
C ILE A 56 2.45 -33.87 18.23
N GLU A 57 2.48 -33.98 19.55
CA GLU A 57 2.12 -35.22 20.21
C GLU A 57 0.63 -35.52 20.02
N GLU A 58 -0.20 -34.49 20.21
CA GLU A 58 -1.64 -34.62 20.05
C GLU A 58 -2.34 -33.29 20.32
N SER A 59 -2.49 -32.48 19.28
CA SER A 59 -3.13 -31.19 19.40
C SER A 59 -4.27 -31.05 18.39
N GLY A 60 -5.49 -31.31 18.85
CA GLY A 60 -6.65 -31.20 17.98
C GLY A 60 -7.95 -31.54 18.68
N PRO A 61 -9.05 -31.74 17.94
CA PRO A 61 -10.35 -32.07 18.52
C PRO A 61 -10.27 -33.25 19.47
N SER A 62 -11.21 -33.30 20.43
CA SER A 62 -11.25 -34.38 21.39
C SER A 62 -12.69 -34.78 21.71
N SER A 63 -13.09 -35.94 21.19
CA SER A 63 -14.45 -36.43 21.41
C SER A 63 -14.42 -37.83 22.02
N GLY A 64 -13.56 -38.69 21.49
CA GLY A 64 -13.45 -40.04 21.99
C GLY A 64 -12.74 -40.10 23.33
N GLY A 1 -18.87 20.44 -28.34
CA GLY A 1 -17.90 21.55 -28.18
C GLY A 1 -17.14 21.47 -26.87
N SER A 2 -16.36 20.41 -26.69
CA SER A 2 -15.58 20.23 -25.47
C SER A 2 -14.13 19.92 -25.79
N SER A 3 -13.64 20.48 -26.90
CA SER A 3 -12.26 20.27 -27.31
C SER A 3 -11.29 20.83 -26.28
N GLY A 4 -11.53 22.07 -25.86
CA GLY A 4 -10.66 22.70 -24.89
C GLY A 4 -9.34 23.14 -25.48
N SER A 5 -8.34 23.32 -24.62
CA SER A 5 -7.02 23.74 -25.08
C SER A 5 -5.98 22.67 -24.78
N SER A 6 -6.07 22.07 -23.59
CA SER A 6 -5.14 21.03 -23.19
C SER A 6 -5.88 19.85 -22.55
N GLY A 7 -7.10 19.62 -23.01
CA GLY A 7 -7.90 18.53 -22.47
C GLY A 7 -8.15 18.67 -20.98
N VAL A 8 -8.81 17.67 -20.39
CA VAL A 8 -9.10 17.68 -18.97
C VAL A 8 -8.64 16.39 -18.30
N THR A 9 -8.88 16.28 -17.00
CA THR A 9 -8.49 15.10 -16.25
C THR A 9 -6.98 14.90 -16.28
N TYR A 10 -6.28 15.52 -15.34
CA TYR A 10 -4.82 15.41 -15.27
C TYR A 10 -4.34 15.58 -13.83
N ASP A 11 -5.17 15.15 -12.88
CA ASP A 11 -4.83 15.26 -11.47
C ASP A 11 -5.26 14.01 -10.71
N ASP A 12 -4.47 12.95 -10.85
CA ASP A 12 -4.76 11.68 -10.18
C ASP A 12 -3.48 10.91 -9.89
N VAL A 13 -2.40 11.65 -9.63
CA VAL A 13 -1.11 11.03 -9.34
C VAL A 13 -0.68 11.30 -7.90
N HIS A 14 -1.36 10.65 -6.95
CA HIS A 14 -1.05 10.83 -5.53
C HIS A 14 -0.35 9.60 -4.97
N MET A 15 0.97 9.68 -4.84
CA MET A 15 1.76 8.57 -4.32
C MET A 15 1.61 7.34 -5.20
N ASN A 16 1.66 7.53 -6.51
CA ASN A 16 1.52 6.44 -7.46
C ASN A 16 2.80 6.28 -8.29
N PHE A 17 3.94 6.61 -7.68
CA PHE A 17 5.22 6.51 -8.37
C PHE A 17 5.49 5.07 -8.81
N THR A 18 5.60 4.88 -10.13
CA THR A 18 5.86 3.56 -10.70
C THR A 18 7.33 3.20 -10.58
N GLU A 19 7.69 2.03 -11.11
CA GLU A 19 9.08 1.57 -11.07
C GLU A 19 10.01 2.59 -11.72
N GLU A 20 9.51 3.27 -12.74
CA GLU A 20 10.30 4.28 -13.45
C GLU A 20 10.42 5.55 -12.62
N GLU A 21 9.29 6.06 -12.16
CA GLU A 21 9.26 7.28 -11.36
C GLU A 21 10.04 7.08 -10.06
N TRP A 22 10.07 5.86 -9.56
CA TRP A 22 10.78 5.53 -8.33
C TRP A 22 12.25 5.89 -8.44
N ASP A 23 12.78 5.83 -9.66
CA ASP A 23 14.17 6.15 -9.91
C ASP A 23 14.38 7.66 -10.03
N LEU A 24 13.33 8.37 -10.44
CA LEU A 24 13.41 9.82 -10.60
C LEU A 24 12.90 10.54 -9.35
N LEU A 25 12.88 9.83 -8.23
CA LEU A 25 12.43 10.40 -6.97
C LEU A 25 13.61 10.83 -6.09
N ASP A 26 13.35 11.71 -5.15
CA ASP A 26 14.39 12.19 -4.25
C ASP A 26 14.61 11.22 -3.10
N SER A 27 15.56 11.54 -2.23
CA SER A 27 15.87 10.70 -1.07
C SER A 27 14.76 10.75 -0.05
N SER A 28 14.07 11.89 0.03
CA SER A 28 12.98 12.06 0.98
C SER A 28 11.74 11.31 0.52
N GLN A 29 11.55 11.23 -0.80
CA GLN A 29 10.41 10.53 -1.37
C GLN A 29 10.56 9.02 -1.22
N LYS A 30 11.74 8.51 -1.54
CA LYS A 30 12.01 7.08 -1.43
C LYS A 30 11.82 6.59 0.00
N ARG A 31 12.07 7.47 0.96
CA ARG A 31 11.94 7.13 2.37
C ARG A 31 10.52 7.41 2.86
N LEU A 32 9.87 8.40 2.26
CA LEU A 32 8.51 8.76 2.65
C LEU A 32 7.51 7.72 2.17
N TYR A 33 7.74 7.19 0.98
CA TYR A 33 6.86 6.18 0.41
C TYR A 33 6.98 4.86 1.16
N GLU A 34 8.12 4.66 1.84
CA GLU A 34 8.35 3.43 2.59
C GLU A 34 7.84 3.58 4.02
N GLU A 35 7.83 4.80 4.53
CA GLU A 35 7.36 5.07 5.88
C GLU A 35 5.91 4.64 6.05
N VAL A 36 5.11 4.85 5.01
CA VAL A 36 3.70 4.48 5.05
C VAL A 36 3.52 2.97 4.93
N MET A 37 4.39 2.33 4.16
CA MET A 37 4.32 0.90 3.95
C MET A 37 4.72 0.15 5.21
N LEU A 38 5.82 0.58 5.83
CA LEU A 38 6.31 -0.05 7.06
C LEU A 38 5.27 0.03 8.16
N GLU A 39 4.46 1.09 8.14
CA GLU A 39 3.42 1.28 9.14
C GLU A 39 2.29 0.28 8.95
N THR A 40 1.90 0.06 7.70
CA THR A 40 0.83 -0.88 7.38
C THR A 40 1.39 -2.16 6.80
N TYR A 41 2.14 -2.90 7.62
CA TYR A 41 2.74 -4.15 7.18
C TYR A 41 3.16 -5.00 8.38
N GLN A 42 4.15 -4.51 9.12
CA GLN A 42 4.65 -5.21 10.30
C GLN A 42 3.70 -5.04 11.48
N ASN A 43 2.97 -3.93 11.49
CA ASN A 43 2.03 -3.65 12.56
C ASN A 43 0.61 -4.02 12.14
N LEU A 44 0.48 -5.09 11.38
CA LEU A 44 -0.82 -5.55 10.91
C LEU A 44 -1.40 -6.61 11.84
N THR A 45 -1.25 -6.39 13.14
CA THR A 45 -1.76 -7.33 14.14
C THR A 45 -3.29 -7.33 14.17
N ASP A 46 -3.89 -6.34 13.51
CA ASP A 46 -5.35 -6.24 13.47
C ASP A 46 -5.89 -6.81 12.17
N ILE A 47 -6.03 -8.13 12.13
CA ILE A 47 -6.54 -8.81 10.94
C ILE A 47 -8.04 -9.09 11.07
N GLY A 48 -8.76 -8.16 11.68
CA GLY A 48 -10.19 -8.32 11.86
C GLY A 48 -10.52 -9.31 12.95
N TYR A 49 -11.79 -9.69 13.04
CA TYR A 49 -12.24 -10.64 14.05
C TYR A 49 -12.92 -11.85 13.41
N ASN A 50 -13.10 -12.91 14.19
CA ASN A 50 -13.73 -14.12 13.68
C ASN A 50 -14.67 -14.71 14.72
N TRP A 51 -15.95 -14.36 14.61
CA TRP A 51 -16.97 -14.86 15.54
C TRP A 51 -18.26 -15.22 14.81
N GLN A 52 -18.18 -15.35 13.49
CA GLN A 52 -19.34 -15.69 12.68
C GLN A 52 -19.64 -17.18 12.77
N ASP A 53 -20.80 -17.52 13.31
CA ASP A 53 -21.21 -18.92 13.44
C ASP A 53 -22.20 -19.31 12.35
N HIS A 54 -21.65 -19.76 11.22
CA HIS A 54 -22.49 -20.16 10.09
C HIS A 54 -22.37 -21.66 9.85
N HIS A 55 -22.29 -22.44 10.93
CA HIS A 55 -22.19 -23.88 10.82
C HIS A 55 -23.56 -24.54 10.78
N ILE A 56 -23.62 -25.76 10.27
CA ILE A 56 -24.87 -26.50 10.18
C ILE A 56 -25.07 -27.40 11.39
N GLU A 57 -25.14 -26.79 12.56
CA GLU A 57 -25.32 -27.52 13.80
C GLU A 57 -26.77 -27.49 14.25
N GLU A 58 -27.49 -26.44 13.84
CA GLU A 58 -28.89 -26.28 14.20
C GLU A 58 -29.06 -26.11 15.70
N SER A 59 -29.02 -27.22 16.43
CA SER A 59 -29.16 -27.20 17.88
C SER A 59 -27.80 -27.23 18.57
N GLY A 60 -27.13 -26.08 18.61
CA GLY A 60 -25.83 -26.00 19.25
C GLY A 60 -25.88 -26.32 20.73
N PRO A 61 -25.00 -25.70 21.54
CA PRO A 61 -24.97 -25.92 22.98
C PRO A 61 -26.34 -25.76 23.63
N SER A 62 -26.99 -24.65 23.34
CA SER A 62 -28.32 -24.37 23.90
C SER A 62 -29.39 -25.13 23.14
N SER A 63 -30.17 -25.93 23.85
CA SER A 63 -31.23 -26.72 23.25
C SER A 63 -32.48 -26.71 24.13
N GLY A 64 -33.54 -26.09 23.64
CA GLY A 64 -34.79 -26.03 24.39
C GLY A 64 -36.00 -26.34 23.54
N GLY A 1 -12.25 22.52 0.16
CA GLY A 1 -13.06 23.28 -0.84
C GLY A 1 -13.45 22.43 -2.03
N SER A 2 -13.70 23.08 -3.16
CA SER A 2 -14.08 22.38 -4.38
C SER A 2 -15.38 21.60 -4.17
N SER A 3 -16.50 22.28 -4.36
CA SER A 3 -17.81 21.65 -4.19
C SER A 3 -17.99 21.13 -2.77
N GLY A 4 -19.24 21.01 -2.35
CA GLY A 4 -19.53 20.53 -1.01
C GLY A 4 -19.71 19.03 -0.95
N SER A 5 -20.70 18.52 -1.69
CA SER A 5 -20.97 17.09 -1.72
C SER A 5 -19.85 16.33 -2.42
N SER A 6 -19.20 16.99 -3.38
CA SER A 6 -18.11 16.39 -4.13
C SER A 6 -18.59 15.17 -4.91
N GLY A 7 -18.55 15.26 -6.23
CA GLY A 7 -18.99 14.15 -7.07
C GLY A 7 -17.87 13.18 -7.37
N VAL A 8 -16.71 13.71 -7.77
CA VAL A 8 -15.56 12.89 -8.09
C VAL A 8 -14.95 12.28 -6.84
N THR A 9 -14.92 10.95 -6.78
CA THR A 9 -14.36 10.24 -5.64
C THR A 9 -13.34 9.19 -6.09
N TYR A 10 -12.62 9.50 -7.15
CA TYR A 10 -11.61 8.59 -7.68
C TYR A 10 -10.20 9.11 -7.41
N ASP A 11 -10.05 9.83 -6.31
CA ASP A 11 -8.75 10.39 -5.94
C ASP A 11 -8.41 10.06 -4.48
N ASP A 12 -7.58 9.05 -4.29
CA ASP A 12 -7.17 8.62 -2.96
C ASP A 12 -5.84 7.89 -3.00
N VAL A 13 -5.00 8.24 -3.97
CA VAL A 13 -3.69 7.60 -4.12
C VAL A 13 -2.65 8.61 -4.57
N HIS A 14 -2.17 9.43 -3.63
CA HIS A 14 -1.16 10.44 -3.93
C HIS A 14 0.24 9.88 -3.75
N MET A 15 0.37 8.80 -2.99
CA MET A 15 1.66 8.17 -2.74
C MET A 15 1.73 6.80 -3.42
N ASN A 16 1.82 6.82 -4.75
CA ASN A 16 1.91 5.59 -5.52
C ASN A 16 2.87 5.75 -6.69
N PHE A 17 4.16 5.72 -6.39
CA PHE A 17 5.19 5.86 -7.42
C PHE A 17 5.56 4.50 -8.00
N THR A 18 5.33 4.33 -9.30
CA THR A 18 5.65 3.08 -9.97
C THR A 18 7.14 2.78 -9.91
N GLU A 19 7.54 1.66 -10.50
CA GLU A 19 8.95 1.26 -10.52
C GLU A 19 9.80 2.30 -11.23
N GLU A 20 9.31 2.78 -12.37
CA GLU A 20 10.03 3.77 -13.16
C GLU A 20 10.13 5.09 -12.40
N GLU A 21 9.02 5.51 -11.81
CA GLU A 21 8.98 6.76 -11.05
C GLU A 21 9.85 6.67 -9.81
N TRP A 22 9.97 5.47 -9.26
CA TRP A 22 10.78 5.25 -8.06
C TRP A 22 12.24 5.64 -8.30
N ASP A 23 12.68 5.50 -9.55
CA ASP A 23 14.05 5.82 -9.92
C ASP A 23 14.21 7.33 -10.09
N LEU A 24 13.13 8.02 -10.44
CA LEU A 24 13.16 9.46 -10.64
C LEU A 24 12.72 10.19 -9.37
N LEU A 25 12.80 9.51 -8.23
CA LEU A 25 12.41 10.11 -6.96
C LEU A 25 13.65 10.53 -6.16
N ASP A 26 13.47 11.51 -5.27
CA ASP A 26 14.57 12.00 -4.45
C ASP A 26 14.66 11.22 -3.15
N SER A 27 15.69 11.52 -2.36
CA SER A 27 15.90 10.86 -1.08
C SER A 27 14.72 11.11 -0.14
N SER A 28 14.17 12.32 -0.21
CA SER A 28 13.04 12.69 0.64
C SER A 28 11.79 11.91 0.24
N GLN A 29 11.68 11.59 -1.04
CA GLN A 29 10.52 10.86 -1.55
C GLN A 29 10.67 9.36 -1.26
N LYS A 30 11.88 8.84 -1.45
CA LYS A 30 12.16 7.44 -1.21
C LYS A 30 11.93 7.07 0.26
N ARG A 31 12.13 8.05 1.14
CA ARG A 31 11.95 7.83 2.58
C ARG A 31 10.49 8.04 2.99
N LEU A 32 9.86 9.05 2.41
CA LEU A 32 8.47 9.34 2.71
C LEU A 32 7.56 8.20 2.27
N TYR A 33 7.88 7.61 1.12
CA TYR A 33 7.10 6.51 0.59
C TYR A 33 7.34 5.23 1.40
N GLU A 34 8.51 5.15 2.03
CA GLU A 34 8.87 3.98 2.82
C GLU A 34 8.26 4.07 4.22
N GLU A 35 8.06 5.30 4.70
CA GLU A 35 7.48 5.51 6.02
C GLU A 35 6.09 4.91 6.12
N VAL A 36 5.28 5.10 5.08
CA VAL A 36 3.93 4.57 5.05
C VAL A 36 3.92 3.10 4.63
N MET A 37 4.86 2.73 3.76
CA MET A 37 4.97 1.36 3.29
C MET A 37 5.22 0.40 4.44
N LEU A 38 5.92 0.88 5.47
CA LEU A 38 6.23 0.07 6.63
C LEU A 38 5.04 -0.01 7.58
N GLU A 39 4.26 1.06 7.63
CA GLU A 39 3.08 1.12 8.49
C GLU A 39 1.99 0.18 7.98
N THR A 40 1.75 0.22 6.68
CA THR A 40 0.72 -0.62 6.07
C THR A 40 1.33 -1.90 5.51
N TYR A 41 2.19 -2.54 6.30
CA TYR A 41 2.85 -3.78 5.90
C TYR A 41 3.39 -4.53 7.10
N GLN A 42 4.04 -3.80 8.01
CA GLN A 42 4.62 -4.39 9.20
C GLN A 42 3.55 -4.69 10.25
N ASN A 43 2.42 -3.99 10.15
CA ASN A 43 1.31 -4.18 11.09
C ASN A 43 0.26 -5.11 10.51
N LEU A 44 0.69 -6.02 9.64
CA LEU A 44 -0.21 -6.98 9.01
C LEU A 44 0.17 -8.41 9.37
N THR A 45 0.59 -8.61 10.62
CA THR A 45 1.00 -9.93 11.08
C THR A 45 -0.15 -10.93 10.97
N ASP A 46 -1.38 -10.41 10.97
CA ASP A 46 -2.56 -11.26 10.85
C ASP A 46 -3.47 -10.79 9.72
N ILE A 47 -3.07 -9.75 9.00
CA ILE A 47 -3.85 -9.22 7.89
C ILE A 47 -5.33 -9.09 8.26
N GLY A 48 -5.58 -8.64 9.49
CA GLY A 48 -6.95 -8.49 9.95
C GLY A 48 -7.59 -9.81 10.34
N TYR A 49 -7.70 -10.71 9.37
CA TYR A 49 -8.31 -12.01 9.61
C TYR A 49 -7.68 -13.07 8.72
N ASN A 50 -6.60 -13.69 9.20
CA ASN A 50 -5.91 -14.72 8.44
C ASN A 50 -5.64 -15.95 9.31
N TRP A 51 -6.51 -16.95 9.21
CA TRP A 51 -6.38 -18.18 9.98
C TRP A 51 -5.68 -19.26 9.17
N GLN A 52 -4.95 -18.85 8.14
CA GLN A 52 -4.23 -19.80 7.29
C GLN A 52 -2.75 -19.88 7.70
N ASP A 53 -2.50 -20.53 8.83
CA ASP A 53 -1.14 -20.68 9.33
C ASP A 53 -0.46 -21.89 8.69
N HIS A 54 -0.20 -21.80 7.40
CA HIS A 54 0.45 -22.89 6.67
C HIS A 54 1.06 -22.38 5.37
N HIS A 55 1.46 -21.11 5.35
CA HIS A 55 2.06 -20.50 4.16
C HIS A 55 1.15 -20.67 2.94
N ILE A 56 0.16 -19.79 2.84
CA ILE A 56 -0.77 -19.84 1.72
C ILE A 56 -0.43 -18.80 0.67
N GLU A 57 -0.01 -19.26 -0.50
CA GLU A 57 0.35 -18.37 -1.59
C GLU A 57 -0.89 -17.80 -2.28
N GLU A 58 -1.83 -18.68 -2.59
CA GLU A 58 -3.07 -18.27 -3.25
C GLU A 58 -4.18 -18.06 -2.23
N SER A 59 -4.42 -16.80 -1.88
CA SER A 59 -5.47 -16.46 -0.92
C SER A 59 -6.41 -15.40 -1.49
N GLY A 60 -7.68 -15.75 -1.59
CA GLY A 60 -8.66 -14.81 -2.12
C GLY A 60 -10.05 -15.03 -1.53
N PRO A 61 -10.18 -15.00 -0.20
CA PRO A 61 -11.46 -15.20 0.47
C PRO A 61 -12.56 -14.30 -0.09
N SER A 62 -12.47 -13.01 0.21
CA SER A 62 -13.46 -12.05 -0.26
C SER A 62 -13.58 -12.08 -1.78
N SER A 63 -12.49 -11.74 -2.47
CA SER A 63 -12.48 -11.74 -3.93
C SER A 63 -12.74 -13.13 -4.48
N GLY A 64 -12.73 -13.25 -5.80
CA GLY A 64 -12.96 -14.53 -6.44
C GLY A 64 -11.69 -15.37 -6.54
N GLY A 1 1.09 23.49 -16.11
CA GLY A 1 -0.02 22.50 -15.90
C GLY A 1 -0.21 21.59 -17.09
N SER A 2 -1.17 20.67 -16.99
CA SER A 2 -1.45 19.73 -18.07
C SER A 2 -2.94 19.46 -18.17
N SER A 3 -3.50 18.83 -17.15
CA SER A 3 -4.92 18.51 -17.12
C SER A 3 -5.46 18.51 -15.71
N GLY A 4 -4.74 17.83 -14.81
CA GLY A 4 -5.17 17.77 -13.42
C GLY A 4 -5.49 16.35 -12.97
N SER A 5 -6.62 16.19 -12.29
CA SER A 5 -7.03 14.88 -11.81
C SER A 5 -8.56 14.77 -11.77
N SER A 6 -9.13 14.22 -12.83
CA SER A 6 -10.57 14.06 -12.93
C SER A 6 -10.96 12.59 -12.87
N GLY A 7 -12.02 12.28 -12.15
CA GLY A 7 -12.48 10.91 -12.03
C GLY A 7 -12.27 10.34 -10.64
N VAL A 8 -13.36 9.97 -9.99
CA VAL A 8 -13.30 9.41 -8.64
C VAL A 8 -12.71 10.43 -7.66
N THR A 9 -13.12 10.31 -6.40
CA THR A 9 -12.63 11.22 -5.36
C THR A 9 -12.46 10.49 -4.03
N TYR A 10 -11.38 9.72 -3.91
CA TYR A 10 -11.11 8.97 -2.70
C TYR A 10 -9.77 9.37 -2.08
N ASP A 11 -9.05 10.26 -2.74
CA ASP A 11 -7.75 10.72 -2.26
C ASP A 11 -6.83 9.54 -1.95
N ASP A 12 -6.12 9.07 -2.95
CA ASP A 12 -5.21 7.94 -2.79
C ASP A 12 -4.31 7.79 -4.01
N VAL A 13 -3.91 8.91 -4.60
CA VAL A 13 -3.06 8.89 -5.78
C VAL A 13 -2.16 10.13 -5.81
N HIS A 14 -1.62 10.49 -4.65
CA HIS A 14 -0.74 11.65 -4.55
C HIS A 14 0.72 11.23 -4.41
N MET A 15 0.94 9.99 -3.98
CA MET A 15 2.28 9.47 -3.80
C MET A 15 2.41 8.08 -4.41
N ASN A 16 1.68 7.84 -5.50
CA ASN A 16 1.72 6.55 -6.18
C ASN A 16 2.83 6.52 -7.22
N PHE A 17 4.06 6.31 -6.75
CA PHE A 17 5.21 6.26 -7.65
C PHE A 17 5.48 4.83 -8.10
N THR A 18 5.49 4.62 -9.42
CA THR A 18 5.73 3.30 -9.98
C THR A 18 7.22 2.97 -9.97
N GLU A 19 7.57 1.83 -10.56
CA GLU A 19 8.96 1.39 -10.62
C GLU A 19 9.82 2.40 -11.40
N GLU A 20 9.28 2.87 -12.52
CA GLU A 20 9.98 3.83 -13.35
C GLU A 20 10.12 5.18 -12.63
N GLU A 21 9.11 5.54 -11.86
CA GLU A 21 9.11 6.80 -11.13
C GLU A 21 9.99 6.69 -9.89
N TRP A 22 10.08 5.50 -9.32
CA TRP A 22 10.88 5.26 -8.13
C TRP A 22 12.35 5.62 -8.38
N ASP A 23 12.79 5.46 -9.63
CA ASP A 23 14.15 5.77 -10.01
C ASP A 23 14.35 7.27 -10.20
N LEU A 24 13.28 7.96 -10.56
CA LEU A 24 13.33 9.40 -10.77
C LEU A 24 12.87 10.16 -9.52
N LEU A 25 12.92 9.49 -8.37
CA LEU A 25 12.52 10.10 -7.11
C LEU A 25 13.74 10.58 -6.33
N ASP A 26 13.50 11.27 -5.21
CA ASP A 26 14.57 11.78 -4.38
C ASP A 26 14.61 11.05 -3.04
N SER A 27 15.46 11.54 -2.13
CA SER A 27 15.59 10.95 -0.82
C SER A 27 14.38 11.26 0.06
N SER A 28 13.65 12.30 -0.29
CA SER A 28 12.47 12.69 0.47
C SER A 28 11.27 11.83 0.10
N GLN A 29 11.21 11.41 -1.15
CA GLN A 29 10.12 10.57 -1.63
C GLN A 29 10.41 9.09 -1.36
N LYS A 30 11.68 8.73 -1.38
CA LYS A 30 12.09 7.35 -1.13
C LYS A 30 11.90 6.99 0.35
N ARG A 31 12.02 7.99 1.22
CA ARG A 31 11.86 7.77 2.65
C ARG A 31 10.41 7.90 3.07
N LEU A 32 9.70 8.85 2.46
CA LEU A 32 8.29 9.07 2.78
C LEU A 32 7.43 7.91 2.29
N TYR A 33 7.74 7.43 1.08
CA TYR A 33 7.00 6.31 0.50
C TYR A 33 7.27 5.02 1.27
N GLU A 34 8.44 4.96 1.92
CA GLU A 34 8.81 3.78 2.69
C GLU A 34 8.13 3.79 4.06
N GLU A 35 7.85 4.98 4.57
CA GLU A 35 7.21 5.12 5.87
C GLU A 35 5.86 4.40 5.90
N VAL A 36 5.02 4.70 4.92
CA VAL A 36 3.70 4.09 4.84
C VAL A 36 3.82 2.59 4.59
N MET A 37 4.88 2.17 3.91
CA MET A 37 5.10 0.77 3.61
C MET A 37 5.39 -0.01 4.88
N LEU A 38 6.01 0.64 5.85
CA LEU A 38 6.35 0.01 7.12
C LEU A 38 5.10 -0.17 7.99
N GLU A 39 4.36 0.92 8.17
CA GLU A 39 3.14 0.88 8.98
C GLU A 39 2.07 0.01 8.32
N THR A 40 1.98 0.09 7.00
CA THR A 40 1.01 -0.70 6.26
C THR A 40 1.60 -2.04 5.81
N TYR A 41 2.21 -2.75 6.75
CA TYR A 41 2.81 -4.04 6.46
C TYR A 41 3.32 -4.70 7.74
N GLN A 42 4.25 -4.03 8.42
CA GLN A 42 4.82 -4.56 9.66
C GLN A 42 3.75 -4.64 10.75
N ASN A 43 2.76 -3.76 10.68
CA ASN A 43 1.67 -3.74 11.66
C ASN A 43 0.45 -4.47 11.13
N LEU A 44 0.67 -5.46 10.27
CA LEU A 44 -0.42 -6.24 9.70
C LEU A 44 -0.73 -7.47 10.55
N THR A 45 0.31 -8.01 11.19
CA THR A 45 0.15 -9.19 12.04
C THR A 45 -0.10 -10.45 11.22
N ASP A 46 0.01 -10.33 9.89
CA ASP A 46 -0.21 -11.46 9.00
C ASP A 46 0.88 -11.53 7.93
N ILE A 47 2.05 -12.04 8.32
CA ILE A 47 3.16 -12.16 7.40
C ILE A 47 3.72 -13.59 7.39
N GLY A 48 2.90 -14.51 6.90
CA GLY A 48 3.31 -15.91 6.85
C GLY A 48 4.06 -16.23 5.57
N TYR A 49 5.38 -16.04 5.60
CA TYR A 49 6.22 -16.31 4.44
C TYR A 49 7.70 -16.21 4.79
N ASN A 50 8.37 -17.36 4.83
CA ASN A 50 9.80 -17.39 5.15
C ASN A 50 10.61 -17.95 3.98
N TRP A 51 11.44 -17.10 3.39
CA TRP A 51 12.27 -17.51 2.26
C TRP A 51 13.67 -16.91 2.37
N GLN A 52 14.06 -16.54 3.59
CA GLN A 52 15.38 -15.96 3.82
C GLN A 52 16.29 -16.94 4.53
N ASP A 53 16.11 -18.23 4.25
CA ASP A 53 16.92 -19.27 4.86
C ASP A 53 17.25 -20.38 3.86
N HIS A 54 18.53 -20.67 3.71
CA HIS A 54 18.99 -21.70 2.78
C HIS A 54 19.78 -22.78 3.51
N HIS A 55 20.89 -22.37 4.11
CA HIS A 55 21.75 -23.31 4.85
C HIS A 55 21.22 -23.54 6.26
N ILE A 56 21.87 -24.43 6.99
CA ILE A 56 21.47 -24.74 8.36
C ILE A 56 21.91 -23.64 9.31
N GLU A 57 20.93 -22.98 9.94
CA GLU A 57 21.22 -21.91 10.88
C GLU A 57 21.60 -22.47 12.26
N GLU A 58 22.41 -21.71 12.98
CA GLU A 58 22.84 -22.13 14.31
C GLU A 58 21.86 -21.68 15.38
N SER A 59 21.16 -20.58 15.10
CA SER A 59 20.19 -20.04 16.05
C SER A 59 20.86 -19.58 17.33
N GLY A 60 21.37 -18.36 17.32
CA GLY A 60 22.03 -17.82 18.49
C GLY A 60 21.32 -16.61 19.07
N PRO A 61 21.78 -15.38 18.74
CA PRO A 61 21.17 -14.16 19.23
C PRO A 61 19.67 -14.10 18.97
N SER A 62 19.31 -13.89 17.70
CA SER A 62 17.91 -13.81 17.31
C SER A 62 17.19 -15.12 17.63
N SER A 63 15.92 -15.01 18.03
CA SER A 63 15.12 -16.18 18.36
C SER A 63 14.31 -16.64 17.15
N GLY A 64 14.19 -17.95 17.00
CA GLY A 64 13.44 -18.51 15.89
C GLY A 64 12.33 -19.42 16.33
N GLY A 1 -15.14 -11.09 6.75
CA GLY A 1 -16.18 -10.12 7.18
C GLY A 1 -15.60 -8.99 8.02
N SER A 2 -15.35 -7.85 7.37
CA SER A 2 -14.80 -6.69 8.05
C SER A 2 -15.69 -5.47 7.86
N SER A 3 -15.64 -4.89 6.66
CA SER A 3 -16.44 -3.72 6.35
C SER A 3 -16.81 -3.68 4.86
N GLY A 4 -16.85 -4.85 4.25
CA GLY A 4 -17.18 -4.94 2.84
C GLY A 4 -16.18 -4.22 1.95
N SER A 5 -15.00 -3.91 2.50
CA SER A 5 -13.96 -3.21 1.75
C SER A 5 -14.52 -1.98 1.04
N SER A 6 -15.57 -1.40 1.61
CA SER A 6 -16.20 -0.21 1.02
C SER A 6 -16.10 0.98 1.96
N GLY A 7 -16.62 2.12 1.52
CA GLY A 7 -16.57 3.31 2.33
C GLY A 7 -15.95 4.49 1.60
N VAL A 8 -14.62 4.50 1.51
CA VAL A 8 -13.91 5.57 0.83
C VAL A 8 -12.98 5.02 -0.25
N THR A 9 -12.78 5.80 -1.31
CA THR A 9 -11.91 5.39 -2.40
C THR A 9 -11.06 6.55 -2.89
N TYR A 10 -10.72 7.45 -1.98
CA TYR A 10 -9.91 8.62 -2.32
C TYR A 10 -8.44 8.39 -1.97
N ASP A 11 -8.01 7.13 -2.05
CA ASP A 11 -6.63 6.79 -1.72
C ASP A 11 -5.96 6.10 -2.91
N ASP A 12 -5.92 6.80 -4.05
CA ASP A 12 -5.30 6.27 -5.25
C ASP A 12 -4.14 7.14 -5.70
N VAL A 13 -4.13 8.40 -5.25
CA VAL A 13 -3.07 9.32 -5.61
C VAL A 13 -2.20 9.66 -4.40
N HIS A 14 -2.07 8.70 -3.49
CA HIS A 14 -1.26 8.90 -2.29
C HIS A 14 0.12 8.25 -2.44
N MET A 15 1.03 8.99 -3.06
CA MET A 15 2.38 8.48 -3.27
C MET A 15 2.37 7.21 -4.11
N ASN A 16 1.78 7.29 -5.30
CA ASN A 16 1.69 6.14 -6.20
C ASN A 16 2.86 6.14 -7.17
N PHE A 17 4.08 6.09 -6.63
CA PHE A 17 5.28 6.06 -7.44
C PHE A 17 5.61 4.64 -7.90
N THR A 18 5.46 4.39 -9.20
CA THR A 18 5.74 3.08 -9.77
C THR A 18 7.24 2.80 -9.78
N GLU A 19 7.61 1.65 -10.33
CA GLU A 19 9.02 1.27 -10.42
C GLU A 19 9.81 2.28 -11.24
N GLU A 20 9.21 2.74 -12.34
CA GLU A 20 9.86 3.71 -13.21
C GLU A 20 10.03 5.05 -12.51
N GLU A 21 8.96 5.50 -11.85
CA GLU A 21 8.99 6.77 -11.12
C GLU A 21 9.90 6.68 -9.91
N TRP A 22 9.98 5.49 -9.32
CA TRP A 22 10.82 5.27 -8.14
C TRP A 22 12.26 5.68 -8.41
N ASP A 23 12.69 5.58 -9.66
CA ASP A 23 14.04 5.94 -10.04
C ASP A 23 14.19 7.45 -10.21
N LEU A 24 13.08 8.11 -10.55
CA LEU A 24 13.08 9.55 -10.75
C LEU A 24 12.63 10.28 -9.48
N LEU A 25 12.72 9.59 -8.34
CA LEU A 25 12.32 10.18 -7.07
C LEU A 25 13.53 10.77 -6.34
N ASP A 26 13.26 11.54 -5.29
CA ASP A 26 14.32 12.15 -4.51
C ASP A 26 14.54 11.40 -3.20
N SER A 27 15.46 11.90 -2.39
CA SER A 27 15.77 11.28 -1.10
C SER A 27 14.59 11.40 -0.15
N SER A 28 13.83 12.49 -0.28
CA SER A 28 12.67 12.71 0.57
C SER A 28 11.53 11.77 0.21
N GLN A 29 11.34 11.55 -1.09
CA GLN A 29 10.28 10.68 -1.57
C GLN A 29 10.59 9.22 -1.24
N LYS A 30 11.81 8.80 -1.53
CA LYS A 30 12.23 7.43 -1.27
C LYS A 30 12.10 7.10 0.21
N ARG A 31 12.24 8.11 1.06
CA ARG A 31 12.13 7.92 2.50
C ARG A 31 10.69 8.05 2.97
N LEU A 32 9.91 8.87 2.26
CA LEU A 32 8.51 9.08 2.60
C LEU A 32 7.66 7.87 2.23
N TYR A 33 7.97 7.28 1.08
CA TYR A 33 7.24 6.11 0.60
C TYR A 33 7.56 4.89 1.46
N GLU A 34 8.75 4.89 2.05
CA GLU A 34 9.18 3.77 2.89
C GLU A 34 8.53 3.86 4.26
N GLU A 35 8.24 5.07 4.71
CA GLU A 35 7.61 5.28 6.01
C GLU A 35 6.20 4.71 6.02
N VAL A 36 5.51 4.83 4.90
CA VAL A 36 4.14 4.34 4.78
C VAL A 36 4.12 2.83 4.51
N MET A 37 5.20 2.32 3.94
CA MET A 37 5.30 0.89 3.64
C MET A 37 5.63 0.07 4.89
N LEU A 38 5.85 0.77 6.01
CA LEU A 38 6.18 0.09 7.27
C LEU A 38 4.96 0.05 8.19
N GLU A 39 4.11 1.07 8.09
CA GLU A 39 2.92 1.15 8.93
C GLU A 39 1.81 0.26 8.38
N THR A 40 1.57 0.35 7.07
CA THR A 40 0.53 -0.45 6.42
C THR A 40 1.12 -1.72 5.82
N TYR A 41 2.00 -2.38 6.57
CA TYR A 41 2.62 -3.61 6.11
C TYR A 41 3.09 -4.45 7.28
N GLN A 42 3.94 -3.86 8.13
CA GLN A 42 4.46 -4.56 9.29
C GLN A 42 3.33 -4.99 10.22
N ASN A 43 2.26 -4.21 10.24
CA ASN A 43 1.11 -4.50 11.08
C ASN A 43 0.00 -5.16 10.26
N LEU A 44 0.39 -5.90 9.24
CA LEU A 44 -0.58 -6.59 8.37
C LEU A 44 -1.47 -7.52 9.20
N THR A 45 -0.86 -8.46 9.90
CA THR A 45 -1.60 -9.41 10.73
C THR A 45 -1.25 -9.24 12.20
N ASP A 46 -0.12 -8.60 12.47
CA ASP A 46 0.32 -8.37 13.85
C ASP A 46 -0.55 -7.32 14.53
N ILE A 47 -1.82 -7.64 14.73
CA ILE A 47 -2.76 -6.72 15.36
C ILE A 47 -3.13 -7.21 16.77
N GLY A 48 -3.14 -8.53 16.94
CA GLY A 48 -3.47 -9.09 18.24
C GLY A 48 -2.30 -9.81 18.88
N TYR A 49 -2.25 -11.13 18.73
CA TYR A 49 -1.17 -11.93 19.30
C TYR A 49 -0.99 -13.23 18.52
N ASN A 50 0.22 -13.44 18.02
CA ASN A 50 0.54 -14.64 17.26
C ASN A 50 1.61 -15.46 17.95
N TRP A 51 1.36 -16.76 18.09
CA TRP A 51 2.31 -17.66 18.73
C TRP A 51 2.24 -19.06 18.13
N GLN A 52 1.75 -19.15 16.90
CA GLN A 52 1.64 -20.44 16.22
C GLN A 52 2.71 -20.58 15.13
N ASP A 53 3.78 -19.80 15.25
CA ASP A 53 4.87 -19.84 14.28
C ASP A 53 5.99 -18.90 14.67
N HIS A 54 6.23 -18.78 15.98
CA HIS A 54 7.28 -17.90 16.49
C HIS A 54 7.15 -16.49 15.91
N HIS A 55 8.07 -15.61 16.30
CA HIS A 55 8.07 -14.24 15.82
C HIS A 55 9.15 -14.03 14.77
N ILE A 56 8.73 -13.58 13.59
CA ILE A 56 9.66 -13.34 12.49
C ILE A 56 10.63 -12.23 12.85
N GLU A 57 11.91 -12.59 12.97
CA GLU A 57 12.95 -11.61 13.30
C GLU A 57 13.95 -11.45 12.15
N GLU A 58 14.26 -12.57 11.49
CA GLU A 58 15.19 -12.56 10.38
C GLU A 58 14.50 -12.13 9.09
N SER A 59 13.99 -10.90 9.09
CA SER A 59 13.30 -10.36 7.91
C SER A 59 14.10 -9.22 7.30
N GLY A 60 14.98 -9.54 6.36
CA GLY A 60 15.79 -8.53 5.71
C GLY A 60 17.14 -8.36 6.37
N PRO A 61 18.23 -8.80 5.72
CA PRO A 61 19.58 -8.68 6.27
C PRO A 61 19.89 -7.27 6.74
N SER A 62 20.87 -7.15 7.64
CA SER A 62 21.26 -5.86 8.18
C SER A 62 22.62 -5.43 7.65
N SER A 63 22.79 -5.53 6.34
CA SER A 63 24.06 -5.16 5.69
C SER A 63 23.84 -4.07 4.65
N GLY A 64 22.86 -3.20 4.90
CA GLY A 64 22.57 -2.13 3.97
C GLY A 64 23.34 -0.86 4.28
N GLY A 1 4.62 19.94 14.58
CA GLY A 1 5.07 21.35 14.42
C GLY A 1 5.15 21.78 12.97
N SER A 2 4.04 21.62 12.25
CA SER A 2 4.00 21.99 10.84
C SER A 2 2.67 22.66 10.50
N SER A 3 2.69 23.98 10.33
CA SER A 3 1.50 24.73 9.99
C SER A 3 1.56 25.26 8.57
N GLY A 4 2.77 25.58 8.11
CA GLY A 4 2.94 26.09 6.77
C GLY A 4 3.09 24.98 5.74
N SER A 5 3.03 25.35 4.46
CA SER A 5 3.17 24.38 3.38
C SER A 5 2.05 23.34 3.46
N SER A 6 0.89 23.75 3.94
CA SER A 6 -0.25 22.85 4.07
C SER A 6 -1.56 23.63 4.15
N GLY A 7 -2.57 23.17 3.41
CA GLY A 7 -3.85 23.84 3.42
C GLY A 7 -4.99 22.90 3.72
N VAL A 8 -5.43 22.16 2.71
CA VAL A 8 -6.53 21.21 2.87
C VAL A 8 -6.09 19.79 2.54
N THR A 9 -6.96 18.83 2.80
CA THR A 9 -6.66 17.43 2.52
C THR A 9 -7.77 16.78 1.69
N TYR A 10 -7.95 17.28 0.47
CA TYR A 10 -8.98 16.75 -0.42
C TYR A 10 -8.38 15.83 -1.47
N ASP A 11 -7.33 15.12 -1.08
CA ASP A 11 -6.65 14.20 -1.99
C ASP A 11 -5.69 13.29 -1.23
N ASP A 12 -5.40 12.12 -1.81
CA ASP A 12 -4.50 11.16 -1.17
C ASP A 12 -4.01 10.14 -2.19
N VAL A 13 -3.88 10.56 -3.45
CA VAL A 13 -3.41 9.68 -4.51
C VAL A 13 -2.27 10.32 -5.29
N HIS A 14 -1.23 10.75 -4.57
CA HIS A 14 -0.08 11.39 -5.19
C HIS A 14 1.15 10.48 -5.13
N MET A 15 1.12 9.49 -4.24
CA MET A 15 2.22 8.57 -4.08
C MET A 15 2.09 7.37 -5.02
N ASN A 16 1.90 7.66 -6.31
CA ASN A 16 1.74 6.61 -7.31
C ASN A 16 3.00 6.49 -8.17
N PHE A 17 4.15 6.71 -7.56
CA PHE A 17 5.42 6.62 -8.26
C PHE A 17 5.73 5.19 -8.65
N THR A 18 5.57 4.87 -9.94
CA THR A 18 5.83 3.54 -10.43
C THR A 18 7.32 3.21 -10.38
N GLU A 19 7.70 2.09 -10.98
CA GLU A 19 9.10 1.67 -11.02
C GLU A 19 9.96 2.72 -11.71
N GLU A 20 9.42 3.32 -12.77
CA GLU A 20 10.13 4.34 -13.52
C GLU A 20 10.29 5.62 -12.71
N GLU A 21 9.18 6.06 -12.11
CA GLU A 21 9.18 7.28 -11.31
C GLU A 21 10.02 7.10 -10.05
N TRP A 22 10.07 5.86 -9.56
CA TRP A 22 10.84 5.54 -8.35
C TRP A 22 12.31 5.93 -8.53
N ASP A 23 12.79 5.87 -9.76
CA ASP A 23 14.17 6.22 -10.07
C ASP A 23 14.35 7.73 -10.18
N LEU A 24 13.29 8.41 -10.57
CA LEU A 24 13.32 9.86 -10.72
C LEU A 24 12.83 10.56 -9.46
N LEU A 25 12.84 9.85 -8.34
CA LEU A 25 12.39 10.42 -7.07
C LEU A 25 13.58 10.96 -6.27
N ASP A 26 13.28 11.48 -5.09
CA ASP A 26 14.32 12.04 -4.22
C ASP A 26 14.53 11.16 -2.99
N SER A 27 15.53 11.49 -2.18
CA SER A 27 15.84 10.74 -0.98
C SER A 27 14.68 10.81 0.01
N SER A 28 13.97 11.94 0.00
CA SER A 28 12.83 12.13 0.90
C SER A 28 11.60 11.38 0.39
N GLN A 29 11.49 11.26 -0.93
CA GLN A 29 10.37 10.57 -1.54
C GLN A 29 10.51 9.06 -1.40
N LYS A 30 11.74 8.57 -1.58
CA LYS A 30 12.02 7.14 -1.46
C LYS A 30 11.80 6.65 -0.03
N ARG A 31 12.01 7.55 0.93
CA ARG A 31 11.84 7.21 2.34
C ARG A 31 10.39 7.39 2.77
N LEU A 32 9.72 8.38 2.20
CA LEU A 32 8.34 8.66 2.53
C LEU A 32 7.42 7.53 2.07
N TYR A 33 7.69 7.02 0.88
CA TYR A 33 6.90 5.92 0.32
C TYR A 33 7.14 4.63 1.11
N GLU A 34 8.31 4.53 1.73
CA GLU A 34 8.65 3.34 2.51
C GLU A 34 8.11 3.45 3.93
N GLU A 35 7.99 4.67 4.43
CA GLU A 35 7.49 4.92 5.78
C GLU A 35 6.07 4.37 5.93
N VAL A 36 5.24 4.61 4.91
CA VAL A 36 3.86 4.13 4.94
C VAL A 36 3.80 2.62 4.79
N MET A 37 4.71 2.06 4.01
CA MET A 37 4.77 0.63 3.78
C MET A 37 5.01 -0.12 5.09
N LEU A 38 5.77 0.50 5.99
CA LEU A 38 6.08 -0.10 7.28
C LEU A 38 4.91 0.02 8.25
N GLU A 39 4.15 1.11 8.11
CA GLU A 39 3.00 1.35 8.96
C GLU A 39 1.94 0.26 8.76
N THR A 40 1.60 0.01 7.50
CA THR A 40 0.59 -1.00 7.17
C THR A 40 1.26 -2.29 6.71
N TYR A 41 2.01 -2.91 7.61
CA TYR A 41 2.71 -4.16 7.30
C TYR A 41 3.44 -4.69 8.53
N GLN A 42 4.05 -3.78 9.28
CA GLN A 42 4.79 -4.16 10.49
C GLN A 42 3.93 -3.94 11.73
N ASN A 43 2.62 -4.04 11.58
CA ASN A 43 1.70 -3.87 12.69
C ASN A 43 0.47 -4.77 12.55
N LEU A 44 0.62 -5.84 11.78
CA LEU A 44 -0.48 -6.79 11.57
C LEU A 44 -0.30 -8.03 12.42
N THR A 45 0.16 -7.83 13.65
CA THR A 45 0.38 -8.94 14.58
C THR A 45 -0.94 -9.51 15.10
N ASP A 46 -2.03 -8.77 14.87
CA ASP A 46 -3.35 -9.21 15.32
C ASP A 46 -4.36 -9.13 14.18
N ILE A 47 -4.62 -10.28 13.55
CA ILE A 47 -5.57 -10.34 12.45
C ILE A 47 -6.85 -11.06 12.86
N GLY A 48 -7.24 -10.88 14.13
CA GLY A 48 -8.44 -11.52 14.64
C GLY A 48 -9.04 -10.78 15.81
N TYR A 49 -9.70 -11.52 16.70
CA TYR A 49 -10.32 -10.92 17.88
C TYR A 49 -11.41 -9.94 17.48
N ASN A 50 -12.64 -10.23 17.88
CA ASN A 50 -13.78 -9.36 17.58
C ASN A 50 -14.58 -9.03 18.84
N TRP A 51 -14.23 -7.93 19.48
CA TRP A 51 -14.92 -7.50 20.69
C TRP A 51 -15.59 -6.14 20.51
N GLN A 52 -15.40 -5.54 19.33
CA GLN A 52 -15.99 -4.24 19.04
C GLN A 52 -17.40 -4.39 18.51
N ASP A 53 -17.51 -4.92 17.30
CA ASP A 53 -18.80 -5.14 16.67
C ASP A 53 -19.54 -3.81 16.49
N HIS A 54 -19.37 -3.19 15.32
CA HIS A 54 -20.02 -1.92 15.03
C HIS A 54 -21.00 -2.07 13.87
N HIS A 55 -20.45 -2.34 12.68
CA HIS A 55 -21.28 -2.50 11.49
C HIS A 55 -22.08 -1.24 11.20
N ILE A 56 -21.49 -0.35 10.40
CA ILE A 56 -22.13 0.90 10.04
C ILE A 56 -22.81 0.80 8.67
N GLU A 57 -23.95 0.12 8.63
CA GLU A 57 -24.70 -0.06 7.40
C GLU A 57 -23.81 -0.67 6.30
N GLU A 58 -24.28 -0.61 5.07
CA GLU A 58 -23.54 -1.16 3.94
C GLU A 58 -23.96 -0.50 2.63
N SER A 59 -22.99 0.02 1.89
CA SER A 59 -23.27 0.68 0.62
C SER A 59 -22.01 0.72 -0.25
N GLY A 60 -21.16 -0.29 -0.11
CA GLY A 60 -19.94 -0.35 -0.89
C GLY A 60 -18.72 0.08 -0.09
N PRO A 61 -17.53 -0.43 -0.44
CA PRO A 61 -16.29 -0.10 0.26
C PRO A 61 -16.01 1.40 0.27
N SER A 62 -14.78 1.77 0.60
CA SER A 62 -14.38 3.17 0.65
C SER A 62 -15.19 3.92 1.71
N SER A 63 -14.97 5.23 1.79
CA SER A 63 -15.66 6.07 2.76
C SER A 63 -15.21 5.76 4.18
N GLY A 64 -15.56 4.56 4.66
CA GLY A 64 -15.19 4.16 6.01
C GLY A 64 -15.12 2.66 6.15
N GLY A 1 -8.99 28.79 -5.20
CA GLY A 1 -8.53 29.44 -3.94
C GLY A 1 -9.10 28.74 -2.71
N SER A 2 -8.43 27.68 -2.27
CA SER A 2 -8.85 26.93 -1.10
C SER A 2 -7.74 26.82 -0.08
N SER A 3 -6.53 26.53 -0.57
CA SER A 3 -5.37 26.40 0.31
C SER A 3 -5.54 25.22 1.26
N GLY A 4 -4.92 24.09 0.92
CA GLY A 4 -5.02 22.91 1.76
C GLY A 4 -5.94 21.86 1.18
N SER A 5 -5.87 20.65 1.72
CA SER A 5 -6.71 19.56 1.24
C SER A 5 -8.17 19.81 1.56
N SER A 6 -9.06 19.15 0.82
CA SER A 6 -10.49 19.32 1.02
C SER A 6 -11.09 18.07 1.67
N GLY A 7 -10.88 16.93 1.05
CA GLY A 7 -11.40 15.68 1.60
C GLY A 7 -10.61 14.47 1.14
N VAL A 8 -11.26 13.57 0.42
CA VAL A 8 -10.61 12.36 -0.06
C VAL A 8 -10.14 12.54 -1.51
N THR A 9 -9.00 11.95 -1.83
CA THR A 9 -8.44 12.04 -3.17
C THR A 9 -7.67 10.76 -3.52
N TYR A 10 -8.39 9.72 -3.91
CA TYR A 10 -7.79 8.45 -4.28
C TYR A 10 -8.01 8.15 -5.76
N ASP A 11 -8.10 9.20 -6.57
CA ASP A 11 -8.31 9.04 -8.00
C ASP A 11 -7.27 9.81 -8.80
N ASP A 12 -6.07 9.92 -8.23
CA ASP A 12 -4.98 10.63 -8.90
C ASP A 12 -3.62 10.17 -8.37
N VAL A 13 -3.50 8.86 -8.13
CA VAL A 13 -2.26 8.27 -7.61
C VAL A 13 -1.61 9.15 -6.55
N HIS A 14 -2.06 8.99 -5.31
CA HIS A 14 -1.52 9.77 -4.20
C HIS A 14 -0.41 9.00 -3.49
N MET A 15 0.83 9.45 -3.67
CA MET A 15 1.98 8.80 -3.05
C MET A 15 2.15 7.38 -3.57
N ASN A 16 1.76 7.16 -4.82
CA ASN A 16 1.87 5.84 -5.43
C ASN A 16 2.83 5.87 -6.62
N PHE A 17 4.13 5.84 -6.32
CA PHE A 17 5.15 5.86 -7.36
C PHE A 17 5.46 4.46 -7.85
N THR A 18 5.50 4.29 -9.17
CA THR A 18 5.79 2.98 -9.76
C THR A 18 7.28 2.71 -9.77
N GLU A 19 7.67 1.56 -10.31
CA GLU A 19 9.07 1.18 -10.39
C GLU A 19 9.87 2.18 -11.21
N GLU A 20 9.26 2.66 -12.30
CA GLU A 20 9.91 3.64 -13.17
C GLU A 20 10.08 4.97 -12.46
N GLU A 21 9.00 5.46 -11.87
CA GLU A 21 9.03 6.74 -11.16
C GLU A 21 9.93 6.65 -9.93
N TRP A 22 10.03 5.46 -9.36
CA TRP A 22 10.86 5.24 -8.17
C TRP A 22 12.31 5.64 -8.44
N ASP A 23 12.73 5.52 -9.70
CA ASP A 23 14.09 5.86 -10.08
C ASP A 23 14.25 7.37 -10.23
N LEU A 24 13.15 8.05 -10.55
CA LEU A 24 13.17 9.50 -10.72
C LEU A 24 12.76 10.21 -9.44
N LEU A 25 12.86 9.51 -8.31
CA LEU A 25 12.50 10.09 -7.01
C LEU A 25 13.74 10.61 -6.30
N ASP A 26 13.51 11.33 -5.19
CA ASP A 26 14.60 11.89 -4.41
C ASP A 26 14.71 11.20 -3.05
N SER A 27 15.63 11.68 -2.22
CA SER A 27 15.84 11.11 -0.90
C SER A 27 14.63 11.34 0.00
N SER A 28 13.75 12.26 -0.39
CA SER A 28 12.56 12.57 0.39
C SER A 28 11.39 11.68 -0.03
N GLN A 29 11.30 11.42 -1.34
CA GLN A 29 10.23 10.58 -1.86
C GLN A 29 10.52 9.11 -1.61
N LYS A 30 11.79 8.75 -1.59
CA LYS A 30 12.20 7.38 -1.36
C LYS A 30 12.03 6.99 0.11
N ARG A 31 12.18 7.99 0.99
CA ARG A 31 12.04 7.76 2.42
C ARG A 31 10.60 7.91 2.87
N LEU A 32 9.91 8.91 2.33
CA LEU A 32 8.52 9.16 2.67
C LEU A 32 7.64 8.00 2.24
N TYR A 33 7.92 7.46 1.06
CA TYR A 33 7.15 6.34 0.53
C TYR A 33 7.34 5.09 1.38
N GLU A 34 8.48 5.02 2.06
CA GLU A 34 8.78 3.87 2.91
C GLU A 34 8.17 4.05 4.30
N GLU A 35 8.05 5.31 4.72
CA GLU A 35 7.47 5.61 6.04
C GLU A 35 6.05 5.10 6.13
N VAL A 36 5.22 5.46 5.16
CA VAL A 36 3.83 5.03 5.14
C VAL A 36 3.72 3.51 4.97
N MET A 37 4.66 2.95 4.21
CA MET A 37 4.67 1.51 3.97
C MET A 37 4.99 0.75 5.26
N LEU A 38 5.81 1.35 6.11
CA LEU A 38 6.19 0.73 7.37
C LEU A 38 4.97 0.51 8.26
N GLU A 39 4.02 1.44 8.19
CA GLU A 39 2.80 1.35 8.98
C GLU A 39 1.65 0.78 8.15
N THR A 40 1.99 -0.02 7.15
CA THR A 40 1.00 -0.63 6.28
C THR A 40 1.57 -1.85 5.56
N TYR A 41 2.48 -2.55 6.24
CA TYR A 41 3.12 -3.74 5.67
C TYR A 41 3.63 -4.65 6.77
N GLN A 42 4.20 -4.07 7.82
CA GLN A 42 4.74 -4.84 8.93
C GLN A 42 3.69 -5.01 10.04
N ASN A 43 2.44 -5.16 9.63
CA ASN A 43 1.34 -5.33 10.58
C ASN A 43 0.13 -5.95 9.90
N LEU A 44 -0.19 -5.45 8.71
CA LEU A 44 -1.31 -5.95 7.94
C LEU A 44 -2.61 -5.83 8.73
N THR A 45 -3.27 -4.68 8.61
CA THR A 45 -4.53 -4.44 9.31
C THR A 45 -5.68 -5.15 8.62
N ASP A 46 -5.50 -5.48 7.35
CA ASP A 46 -6.54 -6.16 6.57
C ASP A 46 -5.90 -7.06 5.51
N ILE A 47 -5.85 -8.36 5.79
CA ILE A 47 -5.27 -9.32 4.86
C ILE A 47 -6.34 -9.91 3.94
N GLY A 48 -7.52 -10.13 4.50
CA GLY A 48 -8.61 -10.69 3.72
C GLY A 48 -8.81 -12.17 3.98
N TYR A 49 -9.66 -12.81 3.18
CA TYR A 49 -9.92 -14.23 3.32
C TYR A 49 -10.81 -14.74 2.19
N ASN A 50 -10.26 -15.61 1.36
CA ASN A 50 -11.00 -16.17 0.23
C ASN A 50 -11.74 -17.44 0.66
N TRP A 51 -13.00 -17.29 1.04
CA TRP A 51 -13.82 -18.41 1.46
C TRP A 51 -14.68 -18.94 0.32
N GLN A 52 -14.27 -18.64 -0.91
CA GLN A 52 -15.01 -19.10 -2.09
C GLN A 52 -14.42 -20.39 -2.64
N ASP A 53 -13.09 -20.49 -2.55
CA ASP A 53 -12.38 -21.67 -3.04
C ASP A 53 -12.59 -21.85 -4.54
N HIS A 54 -13.74 -22.40 -4.92
CA HIS A 54 -14.06 -22.64 -6.32
C HIS A 54 -13.09 -23.63 -6.94
N HIS A 55 -13.64 -24.65 -7.61
CA HIS A 55 -12.83 -25.67 -8.25
C HIS A 55 -13.68 -26.56 -9.16
N ILE A 56 -13.96 -26.07 -10.36
CA ILE A 56 -14.76 -26.81 -11.32
C ILE A 56 -14.01 -28.04 -11.82
N GLU A 57 -14.56 -29.22 -11.55
CA GLU A 57 -13.95 -30.47 -11.98
C GLU A 57 -14.93 -31.32 -12.78
N GLU A 58 -16.18 -31.36 -12.31
CA GLU A 58 -17.22 -32.14 -12.97
C GLU A 58 -16.93 -33.63 -12.88
N SER A 59 -17.48 -34.27 -11.85
CA SER A 59 -17.28 -35.69 -11.63
C SER A 59 -18.29 -36.51 -12.43
N GLY A 60 -18.24 -36.40 -13.75
CA GLY A 60 -19.14 -37.14 -14.61
C GLY A 60 -20.60 -36.73 -14.38
N PRO A 61 -21.44 -36.83 -15.42
CA PRO A 61 -22.86 -36.46 -15.32
C PRO A 61 -23.56 -37.19 -14.17
N SER A 62 -23.59 -38.51 -14.25
CA SER A 62 -24.23 -39.32 -13.21
C SER A 62 -23.20 -40.17 -12.47
N SER A 63 -22.73 -39.68 -11.33
CA SER A 63 -21.76 -40.39 -10.53
C SER A 63 -22.41 -41.05 -9.31
N GLY A 64 -23.45 -40.42 -8.81
CA GLY A 64 -24.15 -40.95 -7.65
C GLY A 64 -25.60 -41.30 -7.96
N GLY A 1 -7.34 18.78 -36.39
CA GLY A 1 -6.63 19.82 -35.60
C GLY A 1 -7.00 19.78 -34.13
N SER A 2 -8.30 19.73 -33.85
CA SER A 2 -8.79 19.70 -32.47
C SER A 2 -9.18 18.27 -32.09
N SER A 3 -9.45 18.07 -30.80
CA SER A 3 -9.85 16.76 -30.30
C SER A 3 -10.37 16.85 -28.87
N GLY A 4 -9.46 17.12 -27.94
CA GLY A 4 -9.84 17.23 -26.54
C GLY A 4 -9.85 15.88 -25.84
N SER A 5 -8.82 15.65 -25.03
CA SER A 5 -8.71 14.40 -24.28
C SER A 5 -7.87 14.59 -23.03
N SER A 6 -7.69 13.50 -22.27
CA SER A 6 -6.91 13.55 -21.04
C SER A 6 -6.46 12.15 -20.64
N GLY A 7 -5.20 12.03 -20.22
CA GLY A 7 -4.67 10.75 -19.81
C GLY A 7 -3.17 10.80 -19.55
N VAL A 8 -2.75 11.73 -18.70
CA VAL A 8 -1.34 11.88 -18.37
C VAL A 8 -1.16 12.34 -16.93
N THR A 9 -0.02 11.98 -16.33
CA THR A 9 0.27 12.37 -14.96
C THR A 9 1.75 12.17 -14.65
N TYR A 10 2.55 13.19 -14.90
CA TYR A 10 3.98 13.13 -14.65
C TYR A 10 4.34 13.90 -13.38
N ASP A 11 3.57 14.93 -13.08
CA ASP A 11 3.81 15.75 -11.89
C ASP A 11 2.57 15.79 -11.00
N ASP A 12 1.95 14.63 -10.82
CA ASP A 12 0.75 14.52 -9.99
C ASP A 12 0.37 13.06 -9.79
N VAL A 13 0.93 12.44 -8.76
CA VAL A 13 0.63 11.05 -8.45
C VAL A 13 0.50 10.81 -6.95
N HIS A 14 0.32 11.90 -6.20
CA HIS A 14 0.16 11.81 -4.75
C HIS A 14 1.26 10.95 -4.12
N MET A 15 0.97 9.66 -3.95
CA MET A 15 1.94 8.74 -3.35
C MET A 15 1.80 7.35 -3.97
N ASN A 16 1.85 7.29 -5.30
CA ASN A 16 1.74 6.02 -6.02
C ASN A 16 2.77 5.95 -7.15
N PHE A 17 3.99 6.34 -6.85
CA PHE A 17 5.07 6.31 -7.83
C PHE A 17 5.30 4.91 -8.35
N THR A 18 5.66 4.80 -9.63
CA THR A 18 5.91 3.50 -10.24
C THR A 18 7.39 3.16 -10.21
N GLU A 19 7.75 2.04 -10.85
CA GLU A 19 9.14 1.60 -10.90
C GLU A 19 10.01 2.64 -11.59
N GLU A 20 9.52 3.18 -12.70
CA GLU A 20 10.26 4.18 -13.45
C GLU A 20 10.38 5.48 -12.66
N GLU A 21 9.24 5.99 -12.20
CA GLU A 21 9.22 7.23 -11.42
C GLU A 21 10.06 7.10 -10.15
N TRP A 22 10.14 5.88 -9.63
CA TRP A 22 10.91 5.61 -8.42
C TRP A 22 12.37 6.04 -8.60
N ASP A 23 12.85 5.99 -9.83
CA ASP A 23 14.23 6.37 -10.14
C ASP A 23 14.35 7.88 -10.28
N LEU A 24 13.25 8.54 -10.62
CA LEU A 24 13.24 9.99 -10.79
C LEU A 24 12.82 10.70 -9.51
N LEU A 25 12.94 10.01 -8.38
CA LEU A 25 12.56 10.59 -7.10
C LEU A 25 13.80 10.97 -6.29
N ASP A 26 13.58 11.50 -5.09
CA ASP A 26 14.68 11.91 -4.23
C ASP A 26 14.76 11.02 -2.99
N SER A 27 15.72 11.31 -2.12
CA SER A 27 15.90 10.54 -0.90
C SER A 27 14.71 10.72 0.04
N SER A 28 14.09 11.89 -0.01
CA SER A 28 12.93 12.18 0.83
C SER A 28 11.70 11.44 0.33
N GLN A 29 11.50 11.43 -0.98
CA GLN A 29 10.36 10.76 -1.59
C GLN A 29 10.50 9.24 -1.46
N LYS A 30 11.72 8.75 -1.65
CA LYS A 30 11.98 7.32 -1.55
C LYS A 30 11.76 6.81 -0.13
N ARG A 31 11.99 7.69 0.84
CA ARG A 31 11.82 7.32 2.25
C ARG A 31 10.37 7.52 2.69
N LEU A 32 9.73 8.55 2.16
CA LEU A 32 8.34 8.84 2.51
C LEU A 32 7.40 7.75 1.98
N TYR A 33 7.74 7.21 0.81
CA TYR A 33 6.93 6.15 0.20
C TYR A 33 7.12 4.83 0.94
N GLU A 34 8.24 4.70 1.64
CA GLU A 34 8.54 3.49 2.38
C GLU A 34 7.90 3.53 3.77
N GLU A 35 7.77 4.73 4.32
CA GLU A 35 7.17 4.92 5.63
C GLU A 35 5.74 4.38 5.67
N VAL A 36 5.06 4.45 4.53
CA VAL A 36 3.69 3.97 4.43
C VAL A 36 3.65 2.46 4.29
N MET A 37 4.68 1.89 3.66
CA MET A 37 4.76 0.45 3.46
C MET A 37 5.17 -0.26 4.75
N LEU A 38 6.00 0.39 5.54
CA LEU A 38 6.46 -0.18 6.80
C LEU A 38 5.37 -0.11 7.86
N GLU A 39 4.54 0.93 7.79
CA GLU A 39 3.45 1.11 8.74
C GLU A 39 2.29 0.15 8.44
N THR A 40 2.12 -0.16 7.16
CA THR A 40 1.06 -1.06 6.73
C THR A 40 1.59 -2.48 6.54
N TYR A 41 2.40 -2.93 7.48
CA TYR A 41 2.98 -4.27 7.42
C TYR A 41 3.31 -4.79 8.82
N GLN A 42 3.93 -3.95 9.62
CA GLN A 42 4.31 -4.33 10.98
C GLN A 42 3.28 -3.81 11.99
N ASN A 43 2.03 -3.71 11.56
CA ASN A 43 0.96 -3.23 12.44
C ASN A 43 -0.38 -3.86 12.05
N LEU A 44 -0.32 -5.06 11.47
CA LEU A 44 -1.52 -5.77 11.06
C LEU A 44 -1.90 -6.83 12.09
N THR A 45 -0.90 -7.55 12.59
CA THR A 45 -1.11 -8.59 13.57
C THR A 45 -1.80 -9.82 12.96
N ASP A 46 -1.93 -9.82 11.64
CA ASP A 46 -2.58 -10.93 10.93
C ASP A 46 -2.44 -10.76 9.42
N ILE A 47 -1.46 -11.46 8.85
CA ILE A 47 -1.22 -11.39 7.41
C ILE A 47 -1.95 -12.52 6.69
N GLY A 48 -1.62 -13.75 7.05
CA GLY A 48 -2.24 -14.91 6.43
C GLY A 48 -1.72 -16.22 6.98
N TYR A 49 -1.84 -16.39 8.29
CA TYR A 49 -1.37 -17.61 8.95
C TYR A 49 -2.18 -17.89 10.22
N ASN A 50 -2.49 -19.16 10.44
CA ASN A 50 -3.26 -19.56 11.61
C ASN A 50 -2.66 -20.81 12.27
N TRP A 51 -2.20 -20.65 13.50
CA TRP A 51 -1.60 -21.76 14.24
C TRP A 51 -1.98 -21.71 15.71
N GLN A 52 -3.10 -21.05 16.02
CA GLN A 52 -3.55 -20.92 17.40
C GLN A 52 -5.05 -21.23 17.50
N ASP A 53 -5.41 -22.47 17.19
CA ASP A 53 -6.80 -22.90 17.25
C ASP A 53 -6.90 -24.41 17.36
N HIS A 54 -6.04 -25.00 18.19
CA HIS A 54 -6.02 -26.44 18.39
C HIS A 54 -5.30 -26.81 19.68
N HIS A 55 -4.21 -26.10 19.96
CA HIS A 55 -3.41 -26.35 21.17
C HIS A 55 -2.56 -27.60 21.00
N ILE A 56 -1.24 -27.40 20.93
CA ILE A 56 -0.31 -28.51 20.77
C ILE A 56 -0.22 -29.35 22.04
N GLU A 57 -0.48 -30.64 21.92
CA GLU A 57 -0.43 -31.55 23.06
C GLU A 57 0.75 -32.50 22.93
N GLU A 58 1.12 -32.83 21.70
CA GLU A 58 2.23 -33.74 21.45
C GLU A 58 1.96 -35.12 22.05
N SER A 59 1.76 -36.10 21.19
CA SER A 59 1.49 -37.46 21.65
C SER A 59 1.94 -38.48 20.60
N GLY A 60 2.76 -39.43 21.01
CA GLY A 60 3.23 -40.46 20.08
C GLY A 60 2.15 -41.45 19.70
N PRO A 61 1.93 -42.49 20.52
CA PRO A 61 0.91 -43.51 20.26
C PRO A 61 -0.47 -42.90 19.98
N SER A 62 -1.29 -43.61 19.22
CA SER A 62 -2.63 -43.13 18.89
C SER A 62 -3.68 -44.15 19.31
N SER A 63 -3.45 -44.80 20.44
CA SER A 63 -4.38 -45.80 20.95
C SER A 63 -4.06 -46.15 22.41
N GLY A 64 -5.04 -45.94 23.28
CA GLY A 64 -4.86 -46.24 24.68
C GLY A 64 -4.68 -44.99 25.53
N GLY A 1 -22.80 31.08 -5.08
CA GLY A 1 -23.16 29.74 -5.60
C GLY A 1 -22.12 29.21 -6.56
N SER A 2 -21.47 28.10 -6.19
CA SER A 2 -20.45 27.50 -7.02
C SER A 2 -20.38 25.98 -6.79
N SER A 3 -21.30 25.26 -7.44
CA SER A 3 -21.35 23.81 -7.31
C SER A 3 -20.17 23.16 -8.02
N GLY A 4 -19.97 21.86 -7.76
CA GLY A 4 -18.88 21.15 -8.40
C GLY A 4 -19.24 19.70 -8.70
N SER A 5 -18.53 19.11 -9.66
CA SER A 5 -18.78 17.73 -10.05
C SER A 5 -18.18 16.76 -9.03
N SER A 6 -19.04 16.18 -8.19
CA SER A 6 -18.59 15.24 -7.18
C SER A 6 -18.86 13.80 -7.61
N GLY A 7 -17.80 13.09 -7.97
CA GLY A 7 -17.96 11.70 -8.40
C GLY A 7 -16.62 10.98 -8.49
N VAL A 8 -15.63 11.64 -9.08
CA VAL A 8 -14.30 11.07 -9.23
C VAL A 8 -13.34 11.61 -8.19
N THR A 9 -12.33 10.81 -7.85
CA THR A 9 -11.33 11.21 -6.86
C THR A 9 -9.97 10.63 -7.20
N TYR A 10 -9.24 11.34 -8.06
CA TYR A 10 -7.91 10.90 -8.47
C TYR A 10 -6.87 11.98 -8.20
N ASP A 11 -7.11 12.78 -7.16
CA ASP A 11 -6.19 13.85 -6.79
C ASP A 11 -6.05 13.94 -5.27
N ASP A 12 -6.11 12.79 -4.61
CA ASP A 12 -5.99 12.73 -3.16
C ASP A 12 -4.85 11.81 -2.74
N VAL A 13 -4.20 11.19 -3.71
CA VAL A 13 -3.09 10.28 -3.44
C VAL A 13 -1.94 10.50 -4.41
N HIS A 14 -1.01 11.36 -4.04
CA HIS A 14 0.15 11.65 -4.88
C HIS A 14 1.35 10.82 -4.47
N MET A 15 1.09 9.61 -3.98
CA MET A 15 2.16 8.72 -3.53
C MET A 15 2.04 7.37 -4.23
N ASN A 16 1.72 7.39 -5.52
CA ASN A 16 1.58 6.17 -6.30
C ASN A 16 2.73 6.01 -7.28
N PHE A 17 3.93 6.43 -6.86
CA PHE A 17 5.11 6.33 -7.70
C PHE A 17 5.40 4.88 -8.08
N THR A 18 5.36 4.60 -9.37
CA THR A 18 5.61 3.25 -9.87
C THR A 18 7.10 2.92 -9.80
N GLU A 19 7.47 1.77 -10.36
CA GLU A 19 8.86 1.34 -10.37
C GLU A 19 9.74 2.33 -11.11
N GLU A 20 9.30 2.73 -12.31
CA GLU A 20 10.04 3.68 -13.12
C GLU A 20 10.22 5.01 -12.38
N GLU A 21 9.12 5.59 -11.94
CA GLU A 21 9.17 6.86 -11.22
C GLU A 21 9.98 6.73 -9.94
N TRP A 22 9.94 5.54 -9.34
CA TRP A 22 10.68 5.28 -8.11
C TRP A 22 12.16 5.58 -8.29
N ASP A 23 12.66 5.38 -9.51
CA ASP A 23 14.07 5.63 -9.81
C ASP A 23 14.32 7.12 -10.04
N LEU A 24 13.29 7.85 -10.42
CA LEU A 24 13.41 9.29 -10.67
C LEU A 24 12.94 10.09 -9.46
N LEU A 25 12.91 9.45 -8.30
CA LEU A 25 12.49 10.13 -7.07
C LEU A 25 13.70 10.66 -6.30
N ASP A 26 13.43 11.29 -5.16
CA ASP A 26 14.49 11.84 -4.32
C ASP A 26 14.62 11.09 -3.01
N SER A 27 15.57 11.49 -2.18
CA SER A 27 15.78 10.85 -0.89
C SER A 27 14.58 11.06 0.03
N SER A 28 13.91 12.20 -0.13
CA SER A 28 12.75 12.52 0.69
C SER A 28 11.55 11.67 0.28
N GLN A 29 11.39 11.46 -1.02
CA GLN A 29 10.28 10.67 -1.54
C GLN A 29 10.49 9.18 -1.25
N LYS A 30 11.70 8.71 -1.50
CA LYS A 30 12.04 7.31 -1.26
C LYS A 30 11.84 6.94 0.20
N ARG A 31 12.00 7.92 1.08
CA ARG A 31 11.85 7.69 2.52
C ARG A 31 10.39 7.85 2.94
N LEU A 32 9.75 8.92 2.48
CA LEU A 32 8.36 9.18 2.81
C LEU A 32 7.46 8.04 2.34
N TYR A 33 7.78 7.50 1.17
CA TYR A 33 7.01 6.39 0.61
C TYR A 33 7.22 5.12 1.40
N GLU A 34 8.38 5.01 2.05
CA GLU A 34 8.72 3.84 2.84
C GLU A 34 8.14 3.95 4.25
N GLU A 35 8.00 5.18 4.73
CA GLU A 35 7.46 5.42 6.06
C GLU A 35 6.04 4.87 6.19
N VAL A 36 5.18 5.26 5.26
CA VAL A 36 3.80 4.80 5.26
C VAL A 36 3.70 3.33 4.87
N MET A 37 4.58 2.91 3.97
CA MET A 37 4.60 1.52 3.51
C MET A 37 4.91 0.57 4.65
N LEU A 38 5.78 1.01 5.56
CA LEU A 38 6.17 0.19 6.70
C LEU A 38 4.99 -0.02 7.65
N GLU A 39 4.20 1.02 7.83
CA GLU A 39 3.04 0.95 8.71
C GLU A 39 1.99 -0.01 8.15
N THR A 40 1.92 -0.09 6.83
CA THR A 40 0.96 -0.97 6.17
C THR A 40 1.65 -2.23 5.64
N TYR A 41 2.52 -2.81 6.46
CA TYR A 41 3.25 -4.01 6.08
C TYR A 41 3.81 -4.73 7.30
N GLN A 42 4.41 -3.96 8.20
CA GLN A 42 4.98 -4.51 9.43
C GLN A 42 3.91 -4.77 10.48
N ASN A 43 2.82 -4.00 10.41
CA ASN A 43 1.72 -4.15 11.35
C ASN A 43 0.61 -4.99 10.76
N LEU A 44 0.97 -5.93 9.89
CA LEU A 44 -0.01 -6.79 9.25
C LEU A 44 -0.23 -8.06 10.08
N THR A 45 0.84 -8.55 10.70
CA THR A 45 0.76 -9.75 11.53
C THR A 45 0.58 -11.01 10.68
N ASP A 46 0.67 -10.86 9.36
CA ASP A 46 0.51 -11.98 8.46
C ASP A 46 1.34 -11.78 7.19
N ILE A 47 2.64 -12.06 7.29
CA ILE A 47 3.54 -11.90 6.16
C ILE A 47 4.27 -13.22 5.85
N GLY A 48 3.56 -14.33 6.07
CA GLY A 48 4.15 -15.64 5.80
C GLY A 48 4.49 -15.83 4.34
N TYR A 49 5.76 -16.15 4.07
CA TYR A 49 6.22 -16.37 2.71
C TYR A 49 6.35 -17.86 2.41
N ASN A 50 5.81 -18.28 1.28
CA ASN A 50 5.87 -19.68 0.87
C ASN A 50 6.46 -19.82 -0.53
N TRP A 51 7.78 -19.93 -0.60
CA TRP A 51 8.47 -20.07 -1.87
C TRP A 51 9.35 -21.32 -1.89
N GLN A 52 9.10 -22.23 -0.96
CA GLN A 52 9.87 -23.47 -0.87
C GLN A 52 8.95 -24.68 -0.90
N ASP A 53 8.46 -25.04 -2.09
CA ASP A 53 7.57 -26.18 -2.23
C ASP A 53 8.01 -27.06 -3.40
N HIS A 54 9.31 -27.09 -3.66
CA HIS A 54 9.86 -27.89 -4.75
C HIS A 54 9.26 -27.47 -6.08
N HIS A 55 9.67 -28.15 -7.16
CA HIS A 55 9.17 -27.85 -8.48
C HIS A 55 7.79 -28.47 -8.71
N ILE A 56 6.75 -27.74 -8.32
CA ILE A 56 5.38 -28.20 -8.47
C ILE A 56 5.03 -28.39 -9.94
N GLU A 57 4.72 -29.63 -10.32
CA GLU A 57 4.36 -29.94 -11.70
C GLU A 57 2.93 -30.44 -11.79
N GLU A 58 2.63 -31.51 -11.06
CA GLU A 58 1.29 -32.09 -11.05
C GLU A 58 0.97 -32.75 -12.39
N SER A 59 0.87 -31.93 -13.43
CA SER A 59 0.58 -32.43 -14.77
C SER A 59 1.61 -33.46 -15.21
N GLY A 60 2.82 -33.34 -14.70
CA GLY A 60 3.88 -34.27 -15.07
C GLY A 60 4.52 -34.93 -13.86
N PRO A 61 3.82 -35.87 -13.21
CA PRO A 61 4.34 -36.56 -12.02
C PRO A 61 5.65 -37.29 -12.32
N SER A 62 6.77 -36.61 -12.11
CA SER A 62 8.08 -37.20 -12.35
C SER A 62 9.08 -36.77 -11.28
N SER A 63 9.23 -37.61 -10.26
CA SER A 63 10.15 -37.33 -9.16
C SER A 63 10.24 -38.51 -8.20
N GLY A 64 11.30 -39.29 -8.33
CA GLY A 64 11.49 -40.45 -7.47
C GLY A 64 11.60 -40.06 -6.01
#